data_4TX6
#
_entry.id   4TX6
#
_cell.length_a   76.398
_cell.length_b   128.514
_cell.length_c   212.102
_cell.angle_alpha   90.00
_cell.angle_beta   90.00
_cell.angle_gamma   90.00
#
_symmetry.space_group_name_H-M   'I 21 21 21'
#
loop_
_entity.id
_entity.type
_entity.pdbx_description
1 polymer 'Class III chitinase ChiA1'
2 non-polymer 3-(2-methoxyphenyl)-6-methyl[1,2]oxazolo[5,4-d]pyrimidin-4(5H)-one
3 non-polymer 'PHOSPHATE ION'
4 water water
#
_entity_poly.entity_id   1
_entity_poly.type   'polypeptide(L)'
_entity_poly.pdbx_seq_one_letter_code
;RSNLAIYWGQGPNQLRLSHFCQETSLDIINIGFINYFPDMSPGHWPGSNFGNQCDGSVYVTNDGVVTKLLSGCHQIMEDI
PICQAAGKKVLLSIGGAYPPDQSILSEDSAVAFATFLWGAFGPVAEGWEGPRPFGDVVVDGFDFDIEHNGGFGYATMVNT
FRQYFNQVPERKFYLSAAPQCIIPDAQLSDAIFNAAFDFIWIQYYNTAACSAKSFIDTSLGTFNFDAWVTVLKASASKDA
KLYVGLPASETAANQGYYLTPDEVESLVSTYMDRYPDTFGGIMLWEATASENNQIDGAPYADHMKDILLH
;
_entity_poly.pdbx_strand_id   A,B
#
loop_
_chem_comp.id
_chem_comp.type
_chem_comp.name
_chem_comp.formula
38B non-polymer 3-(2-methoxyphenyl)-6-methyl[1,2]oxazolo[5,4-d]pyrimidin-4(5H)-one 'C13 H11 N3 O3'
PO4 non-polymer 'PHOSPHATE ION' 'O4 P -3'
#
# COMPACT_ATOMS: atom_id res chain seq x y z
N SER A 2 -14.27 -16.88 -21.90
CA SER A 2 -15.70 -16.82 -21.41
C SER A 2 -15.97 -16.11 -20.03
N ASN A 3 -15.16 -16.32 -18.96
CA ASN A 3 -15.46 -15.71 -17.68
C ASN A 3 -14.35 -14.67 -17.36
N LEU A 4 -14.73 -13.66 -16.59
CA LEU A 4 -13.77 -12.65 -16.11
C LEU A 4 -13.77 -12.69 -14.59
N ALA A 5 -12.61 -12.92 -14.00
CA ALA A 5 -12.42 -12.94 -12.56
C ALA A 5 -11.55 -11.75 -12.17
N ILE A 6 -11.80 -11.21 -10.98
CA ILE A 6 -11.04 -10.06 -10.46
C ILE A 6 -10.86 -10.20 -8.96
N TYR A 7 -9.70 -9.73 -8.45
CA TYR A 7 -9.46 -9.60 -7.02
C TYR A 7 -9.97 -8.23 -6.51
N TRP A 8 -10.52 -8.25 -5.30
CA TRP A 8 -10.89 -7.04 -4.59
C TRP A 8 -10.45 -7.21 -3.16
N GLY A 9 -10.14 -6.09 -2.52
CA GLY A 9 -9.93 -6.01 -1.07
C GLY A 9 -8.59 -5.38 -0.69
N GLN A 10 -7.64 -5.31 -1.63
CA GLN A 10 -6.30 -4.79 -1.32
C GLN A 10 -5.97 -3.52 -2.14
N GLY A 11 -6.97 -2.91 -2.74
CA GLY A 11 -6.74 -1.71 -3.56
C GLY A 11 -6.68 -0.47 -2.67
N PRO A 12 -5.64 0.37 -2.84
CA PRO A 12 -5.59 1.62 -2.06
C PRO A 12 -6.77 2.52 -2.34
N ASN A 13 -7.43 2.97 -1.26
CA ASN A 13 -8.64 3.76 -1.34
C ASN A 13 -9.71 3.11 -2.18
N GLN A 14 -9.78 1.78 -2.18
CA GLN A 14 -10.77 1.09 -2.99
C GLN A 14 -12.16 1.51 -2.63
N LEU A 15 -13.04 1.53 -3.61
CA LEU A 15 -14.46 1.58 -3.37
C LEU A 15 -14.92 0.29 -2.72
N ARG A 16 -16.05 0.37 -2.05
CA ARG A 16 -16.62 -0.82 -1.41
C ARG A 16 -16.99 -1.88 -2.43
N LEU A 17 -17.13 -3.10 -1.96
CA LEU A 17 -17.42 -4.22 -2.81
C LEU A 17 -18.68 -4.03 -3.66
N SER A 18 -19.77 -3.45 -3.14
CA SER A 18 -21.00 -3.31 -3.89
C SER A 18 -20.79 -2.52 -5.20
N HIS A 19 -19.80 -1.64 -5.26
CA HIS A 19 -19.52 -0.97 -6.53
C HIS A 19 -19.18 -1.96 -7.63
N PHE A 20 -18.38 -2.97 -7.28
CA PHE A 20 -18.03 -4.04 -8.21
C PHE A 20 -19.11 -5.10 -8.38
N CYS A 21 -19.94 -5.32 -7.35
CA CYS A 21 -21.15 -6.11 -7.55
C CYS A 21 -22.05 -5.55 -8.65
N GLN A 22 -22.01 -4.24 -8.88
CA GLN A 22 -22.82 -3.59 -9.92
C GLN A 22 -22.18 -3.57 -11.30
N GLU A 23 -20.96 -4.05 -11.40
CA GLU A 23 -20.24 -4.08 -12.69
C GLU A 23 -20.59 -5.36 -13.44
N THR A 24 -21.41 -5.24 -14.46
CA THR A 24 -21.93 -6.38 -15.18
C THR A 24 -20.87 -7.37 -15.64
N SER A 25 -19.76 -6.82 -16.14
CA SER A 25 -18.74 -7.65 -16.79
C SER A 25 -18.09 -8.66 -15.87
N LEU A 26 -18.08 -8.45 -14.54
CA LEU A 26 -17.39 -9.37 -13.63
C LEU A 26 -18.18 -10.63 -13.38
N ASP A 27 -17.56 -11.79 -13.55
CA ASP A 27 -18.24 -13.04 -13.24
C ASP A 27 -17.89 -13.64 -11.89
N ILE A 28 -16.63 -13.47 -11.49
CA ILE A 28 -16.05 -14.00 -10.28
C ILE A 28 -15.28 -12.90 -9.56
N ILE A 29 -15.54 -12.71 -8.28
CA ILE A 29 -14.76 -11.80 -7.47
C ILE A 29 -14.11 -12.56 -6.31
N ASN A 30 -12.78 -12.45 -6.23
CA ASN A 30 -11.97 -13.07 -5.19
C ASN A 30 -11.66 -11.98 -4.17
N ILE A 31 -12.14 -12.20 -2.94
CA ILE A 31 -11.94 -11.25 -1.85
C ILE A 31 -10.67 -11.60 -1.10
N GLY A 32 -9.65 -10.75 -1.18
CA GLY A 32 -8.37 -11.01 -0.53
C GLY A 32 -8.17 -10.14 0.71
N PHE A 33 -7.79 -10.74 1.88
CA PHE A 33 -7.24 -12.09 2.00
C PHE A 33 -7.43 -12.57 3.42
N ILE A 34 -7.56 -13.89 3.54
CA ILE A 34 -7.21 -14.60 4.74
C ILE A 34 -5.69 -14.79 4.70
N ASN A 35 -5.00 -13.84 5.33
CA ASN A 35 -3.54 -13.75 5.13
C ASN A 35 -2.68 -14.27 6.29
N TYR A 36 -3.30 -14.58 7.42
CA TYR A 36 -2.62 -15.18 8.53
C TYR A 36 -3.13 -16.58 8.74
N PHE A 37 -2.21 -17.53 8.88
CA PHE A 37 -2.59 -18.90 8.97
C PHE A 37 -2.46 -19.40 10.41
N PRO A 38 -3.27 -20.42 10.76
CA PRO A 38 -3.42 -20.84 12.16
C PRO A 38 -2.13 -21.28 12.84
N ASP A 39 -1.21 -21.91 12.11
CA ASP A 39 0.01 -22.44 12.78
C ASP A 39 0.86 -21.34 13.35
N MET A 40 0.82 -20.14 12.79
CA MET A 40 1.70 -19.12 13.29
C MET A 40 1.02 -17.83 13.66
N SER A 41 -0.26 -17.87 13.92
CA SER A 41 -1.00 -16.66 14.22
CA SER A 41 -0.98 -16.65 14.23
C SER A 41 -1.54 -16.69 15.65
N PRO A 42 -1.84 -15.52 16.21
CA PRO A 42 -2.33 -15.53 17.60
C PRO A 42 -3.65 -16.26 17.77
N GLY A 43 -3.70 -17.07 18.81
CA GLY A 43 -4.84 -17.89 19.12
C GLY A 43 -4.92 -19.11 18.27
N HIS A 44 -3.98 -19.26 17.34
CA HIS A 44 -4.08 -20.31 16.35
C HIS A 44 -5.39 -20.23 15.55
N TRP A 45 -5.86 -19.01 15.34
CA TRP A 45 -6.96 -18.75 14.41
C TRP A 45 -6.40 -18.12 13.13
N PRO A 46 -7.09 -18.32 12.02
CA PRO A 46 -6.64 -17.55 10.86
C PRO A 46 -6.88 -16.07 11.08
N GLY A 47 -6.27 -15.24 10.25
CA GLY A 47 -6.42 -13.79 10.36
C GLY A 47 -6.74 -13.25 8.98
N SER A 48 -7.31 -12.06 8.96
CA SER A 48 -7.81 -11.49 7.71
C SER A 48 -7.35 -10.02 7.60
N ASN A 49 -7.31 -9.56 6.36
CA ASN A 49 -7.04 -8.18 6.01
C ASN A 49 -7.75 -7.85 4.70
N PHE A 50 -8.55 -6.81 4.73
CA PHE A 50 -9.26 -6.33 3.53
C PHE A 50 -9.01 -4.83 3.34
N GLY A 51 -7.74 -4.47 3.44
CA GLY A 51 -7.31 -3.11 3.15
C GLY A 51 -8.08 -2.08 3.97
N ASN A 52 -8.69 -1.11 3.29
CA ASN A 52 -9.40 -0.06 4.02
C ASN A 52 -10.75 -0.46 4.56
N GLN A 53 -11.17 -1.72 4.37
CA GLN A 53 -12.47 -2.16 4.78
C GLN A 53 -12.45 -2.69 6.25
N CYS A 54 -13.64 -2.69 6.85
CA CYS A 54 -13.87 -3.19 8.23
C CYS A 54 -13.44 -2.16 9.29
N ASP A 55 -13.98 -2.33 10.48
CA ASP A 55 -13.85 -1.28 11.47
C ASP A 55 -12.59 -1.48 12.31
N GLY A 56 -11.77 -2.48 11.98
CA GLY A 56 -10.57 -2.70 12.75
C GLY A 56 -10.71 -3.63 13.97
N SER A 57 -11.91 -3.87 14.48
CA SER A 57 -12.07 -4.85 15.59
CA SER A 57 -12.08 -4.83 15.57
C SER A 57 -11.66 -6.25 15.16
N VAL A 58 -11.20 -7.03 16.14
CA VAL A 58 -10.85 -8.42 15.93
C VAL A 58 -11.51 -9.35 16.93
N TYR A 59 -11.73 -10.58 16.53
CA TYR A 59 -12.20 -11.62 17.46
C TYR A 59 -11.14 -11.94 18.52
N VAL A 60 -11.60 -12.44 19.67
CA VAL A 60 -10.76 -13.10 20.67
C VAL A 60 -11.19 -14.52 20.79
N THR A 61 -10.24 -15.37 21.15
CA THR A 61 -10.55 -16.76 21.45
C THR A 61 -11.33 -16.83 22.74
N ASN A 62 -11.90 -17.98 23.01
N ASN A 62 -11.91 -17.97 23.05
CA ASN A 62 -12.77 -18.11 24.17
CA ASN A 62 -12.74 -18.02 24.25
C ASN A 62 -11.96 -17.98 25.52
C ASN A 62 -11.93 -17.94 25.55
N ASP A 63 -10.61 -18.01 25.44
CA ASP A 63 -9.73 -17.69 26.60
C ASP A 63 -9.14 -16.30 26.55
N GLY A 64 -9.64 -15.48 25.66
CA GLY A 64 -9.29 -14.08 25.67
C GLY A 64 -8.08 -13.66 24.87
N VAL A 65 -7.56 -14.54 24.02
CA VAL A 65 -6.40 -14.25 23.22
C VAL A 65 -6.84 -13.51 21.97
N VAL A 66 -6.24 -12.35 21.73
CA VAL A 66 -6.56 -11.50 20.61
C VAL A 66 -6.11 -12.16 19.30
N THR A 67 -7.01 -12.24 18.33
CA THR A 67 -6.65 -12.86 17.05
C THR A 67 -6.43 -11.75 16.05
N LYS A 68 -6.03 -12.16 14.84
CA LYS A 68 -5.99 -11.29 13.70
C LYS A 68 -7.22 -11.40 12.76
N LEU A 69 -8.27 -12.10 13.18
CA LEU A 69 -9.46 -12.21 12.36
C LEU A 69 -10.42 -11.03 12.61
N LEU A 70 -10.64 -10.24 11.56
CA LEU A 70 -11.48 -9.06 11.67
C LEU A 70 -12.93 -9.44 11.94
N SER A 71 -13.56 -8.73 12.87
CA SER A 71 -14.89 -9.01 13.32
C SER A 71 -15.91 -7.90 12.99
N GLY A 72 -15.48 -6.84 12.36
CA GLY A 72 -16.47 -5.80 11.98
C GLY A 72 -16.42 -5.39 10.52
N CYS A 73 -16.51 -6.41 9.64
CA CYS A 73 -16.56 -6.23 8.19
C CYS A 73 -18.03 -6.06 7.74
N HIS A 74 -18.62 -4.96 8.17
CA HIS A 74 -20.05 -4.72 7.96
C HIS A 74 -20.37 -4.47 6.49
N GLN A 75 -19.61 -3.60 5.85
CA GLN A 75 -19.87 -3.31 4.42
C GLN A 75 -19.68 -4.57 3.56
N ILE A 76 -18.68 -5.39 3.87
CA ILE A 76 -18.50 -6.66 3.14
C ILE A 76 -19.70 -7.56 3.32
N MET A 77 -20.14 -7.73 4.56
CA MET A 77 -21.32 -8.51 4.84
C MET A 77 -22.53 -8.01 4.07
N GLU A 78 -22.70 -6.69 4.01
CA GLU A 78 -23.83 -6.09 3.30
C GLU A 78 -23.73 -6.33 1.79
N ASP A 79 -22.51 -6.33 1.26
CA ASP A 79 -22.29 -6.25 -0.16
C ASP A 79 -22.25 -7.60 -0.89
N ILE A 80 -21.71 -8.63 -0.26
CA ILE A 80 -21.63 -9.94 -0.90
C ILE A 80 -22.97 -10.43 -1.47
N PRO A 81 -24.08 -10.25 -0.73
CA PRO A 81 -25.36 -10.70 -1.28
C PRO A 81 -25.80 -9.96 -2.55
N ILE A 82 -25.32 -8.74 -2.72
CA ILE A 82 -25.59 -7.98 -3.95
C ILE A 82 -24.89 -8.62 -5.13
N CYS A 83 -23.61 -8.94 -4.95
CA CYS A 83 -22.86 -9.71 -5.94
C CYS A 83 -23.55 -10.98 -6.32
N GLN A 84 -23.99 -11.74 -5.33
CA GLN A 84 -24.61 -13.02 -5.60
C GLN A 84 -25.97 -12.84 -6.29
N ALA A 85 -26.73 -11.83 -5.87
CA ALA A 85 -28.02 -11.55 -6.52
C ALA A 85 -27.81 -11.24 -8.00
N ALA A 86 -26.70 -10.59 -8.30
CA ALA A 86 -26.33 -10.24 -9.68
C ALA A 86 -25.78 -11.41 -10.47
N GLY A 87 -25.70 -12.57 -9.83
CA GLY A 87 -25.20 -13.78 -10.44
C GLY A 87 -23.67 -13.97 -10.42
N LYS A 88 -22.96 -13.23 -9.59
CA LYS A 88 -21.52 -13.39 -9.48
C LYS A 88 -21.16 -14.48 -8.47
N LYS A 89 -20.00 -15.10 -8.64
CA LYS A 89 -19.45 -15.98 -7.63
C LYS A 89 -18.45 -15.20 -6.81
N VAL A 90 -18.57 -15.26 -5.48
CA VAL A 90 -17.67 -14.57 -4.59
C VAL A 90 -16.85 -15.61 -3.83
N LEU A 91 -15.54 -15.62 -4.06
CA LEU A 91 -14.64 -16.60 -3.47
C LEU A 91 -13.79 -15.88 -2.45
N LEU A 92 -13.58 -16.51 -1.33
CA LEU A 92 -12.72 -15.94 -0.30
C LEU A 92 -11.29 -16.43 -0.57
N SER A 93 -10.36 -15.50 -0.71
CA SER A 93 -9.00 -15.85 -1.07
C SER A 93 -8.09 -15.97 0.16
N ILE A 94 -7.30 -17.03 0.14
CA ILE A 94 -6.36 -17.43 1.17
C ILE A 94 -4.95 -17.13 0.68
N GLY A 95 -4.22 -16.36 1.48
CA GLY A 95 -2.80 -16.10 1.24
C GLY A 95 -2.58 -14.66 0.87
N GLY A 96 -2.13 -14.44 -0.37
CA GLY A 96 -1.82 -13.11 -0.81
C GLY A 96 -0.35 -12.88 -0.53
N ALA A 97 0.18 -11.77 -1.00
CA ALA A 97 1.64 -11.65 -0.92
C ALA A 97 2.21 -11.18 0.44
N TYR A 98 1.40 -10.56 1.28
CA TYR A 98 1.83 -10.05 2.61
C TYR A 98 1.00 -10.67 3.74
N PRO A 99 1.66 -11.19 4.79
CA PRO A 99 3.10 -11.20 5.03
C PRO A 99 3.72 -12.39 4.38
N PRO A 100 5.05 -12.46 4.40
CA PRO A 100 5.76 -13.49 3.69
C PRO A 100 6.06 -14.74 4.46
N ASP A 101 5.53 -14.87 5.66
CA ASP A 101 5.97 -15.94 6.58
C ASP A 101 4.92 -16.95 6.99
N GLN A 102 3.86 -17.10 6.19
CA GLN A 102 2.76 -18.01 6.52
C GLN A 102 2.80 -19.30 5.71
N SER A 103 2.53 -20.42 6.37
CA SER A 103 2.49 -21.72 5.74
C SER A 103 1.70 -22.66 6.61
N ILE A 104 1.58 -23.91 6.16
CA ILE A 104 0.84 -24.93 6.89
C ILE A 104 1.85 -25.94 7.35
N LEU A 105 1.84 -26.28 8.62
CA LEU A 105 2.91 -27.15 9.15
C LEU A 105 2.57 -28.61 9.23
N SER A 106 1.30 -28.99 9.20
CA SER A 106 0.95 -30.39 9.32
C SER A 106 -0.32 -30.73 8.57
N GLU A 107 -0.51 -32.01 8.30
CA GLU A 107 -1.77 -32.52 7.76
C GLU A 107 -2.95 -32.14 8.66
N ASP A 108 -2.78 -32.32 9.96
CA ASP A 108 -3.86 -32.02 10.90
C ASP A 108 -4.21 -30.54 10.81
N SER A 109 -3.24 -29.66 10.81
CA SER A 109 -3.57 -28.27 10.76
C SER A 109 -4.14 -27.85 9.40
N ALA A 110 -3.78 -28.53 8.31
CA ALA A 110 -4.40 -28.25 7.00
C ALA A 110 -5.91 -28.55 7.05
N VAL A 111 -6.23 -29.72 7.57
CA VAL A 111 -7.62 -30.13 7.73
C VAL A 111 -8.35 -29.13 8.66
N ALA A 112 -7.75 -28.80 9.80
CA ALA A 112 -8.38 -27.87 10.74
C ALA A 112 -8.58 -26.46 10.17
N PHE A 113 -7.66 -26.00 9.32
CA PHE A 113 -7.78 -24.69 8.67
C PHE A 113 -8.97 -24.68 7.72
N ALA A 114 -9.12 -25.73 6.92
CA ALA A 114 -10.27 -25.78 6.05
C ALA A 114 -11.57 -25.91 6.83
N THR A 115 -11.57 -26.72 7.90
CA THR A 115 -12.76 -26.87 8.75
C THR A 115 -13.18 -25.53 9.33
N PHE A 116 -12.21 -24.77 9.80
CA PHE A 116 -12.52 -23.48 10.40
C PHE A 116 -13.14 -22.54 9.36
N LEU A 117 -12.49 -22.42 8.20
CA LEU A 117 -12.97 -21.51 7.20
C LEU A 117 -14.39 -21.92 6.70
N TRP A 118 -14.64 -23.21 6.61
CA TRP A 118 -15.95 -23.71 6.18
C TRP A 118 -16.98 -23.34 7.19
N GLY A 119 -16.63 -23.46 8.47
CA GLY A 119 -17.55 -23.13 9.54
C GLY A 119 -17.84 -21.64 9.65
N ALA A 120 -16.81 -20.83 9.42
CA ALA A 120 -16.87 -19.39 9.61
C ALA A 120 -17.50 -18.69 8.42
N PHE A 121 -17.26 -19.21 7.23
CA PHE A 121 -17.62 -18.53 5.97
C PHE A 121 -18.55 -19.29 5.05
N GLY A 122 -18.72 -20.59 5.31
CA GLY A 122 -19.64 -21.43 4.54
C GLY A 122 -21.03 -21.39 5.11
N PRO A 123 -21.81 -22.45 4.86
CA PRO A 123 -23.17 -22.53 5.35
C PRO A 123 -23.23 -22.33 6.87
N VAL A 124 -24.29 -21.64 7.33
CA VAL A 124 -24.57 -21.50 8.75
C VAL A 124 -24.99 -22.87 9.29
N ALA A 125 -24.42 -23.33 10.39
CA ALA A 125 -24.77 -24.61 10.99
C ALA A 125 -25.17 -24.45 12.42
N GLU A 126 -26.17 -25.22 12.86
CA GLU A 126 -26.64 -25.14 14.26
C GLU A 126 -25.49 -25.47 15.20
N GLY A 127 -24.66 -26.42 14.85
CA GLY A 127 -23.54 -26.86 15.70
C GLY A 127 -22.22 -26.06 15.72
N TRP A 128 -22.15 -24.99 14.95
CA TRP A 128 -21.00 -24.08 14.95
C TRP A 128 -21.22 -23.04 15.99
N GLU A 129 -20.24 -22.85 16.85
CA GLU A 129 -20.34 -21.83 17.87
C GLU A 129 -19.12 -20.90 17.74
N GLY A 130 -18.64 -20.76 16.53
CA GLY A 130 -17.43 -19.99 16.26
C GLY A 130 -17.81 -18.65 15.62
N PRO A 131 -16.82 -17.92 15.14
CA PRO A 131 -17.07 -16.63 14.53
C PRO A 131 -17.78 -16.77 13.18
N ARG A 132 -18.57 -15.76 12.84
CA ARG A 132 -19.20 -15.61 11.54
C ARG A 132 -18.84 -14.22 11.03
N PRO A 133 -17.65 -14.06 10.44
CA PRO A 133 -17.15 -12.73 10.15
C PRO A 133 -18.00 -11.97 9.12
N PHE A 134 -18.72 -12.68 8.26
CA PHE A 134 -19.62 -12.02 7.32
C PHE A 134 -21.05 -12.37 7.64
N GLY A 135 -21.33 -12.72 8.89
CA GLY A 135 -22.69 -13.01 9.31
C GLY A 135 -23.25 -14.22 8.63
N ASP A 136 -24.52 -14.15 8.27
CA ASP A 136 -25.23 -15.24 7.58
C ASP A 136 -24.87 -15.37 6.09
N VAL A 137 -23.98 -14.53 5.59
CA VAL A 137 -23.46 -14.69 4.24
C VAL A 137 -22.77 -16.03 4.08
N VAL A 138 -22.96 -16.63 2.91
CA VAL A 138 -22.28 -17.86 2.54
C VAL A 138 -21.49 -17.60 1.26
N VAL A 139 -20.17 -17.71 1.34
CA VAL A 139 -19.32 -17.55 0.18
C VAL A 139 -19.53 -18.65 -0.83
N ASP A 140 -19.14 -18.43 -2.08
CA ASP A 140 -19.28 -19.42 -3.12
C ASP A 140 -18.08 -20.37 -3.24
N GLY A 141 -17.07 -20.17 -2.40
CA GLY A 141 -15.92 -21.03 -2.38
C GLY A 141 -14.65 -20.30 -1.98
N PHE A 142 -13.52 -20.92 -2.28
CA PHE A 142 -12.23 -20.52 -1.75
C PHE A 142 -11.17 -20.48 -2.80
N ASP A 143 -10.37 -19.43 -2.80
CA ASP A 143 -9.28 -19.24 -3.75
C ASP A 143 -7.97 -19.42 -2.98
N PHE A 144 -7.03 -20.17 -3.56
CA PHE A 144 -5.72 -20.37 -3.01
C PHE A 144 -4.68 -19.52 -3.71
N ASP A 145 -4.46 -18.33 -3.16
CA ASP A 145 -3.41 -17.44 -3.64
C ASP A 145 -2.13 -17.54 -2.78
N ILE A 146 -1.51 -18.70 -2.85
CA ILE A 146 -0.38 -18.98 -1.99
C ILE A 146 0.88 -18.48 -2.72
N GLU A 147 1.58 -17.55 -2.11
CA GLU A 147 2.65 -16.79 -2.74
C GLU A 147 4.05 -17.03 -2.10
N HIS A 148 4.09 -17.69 -0.95
CA HIS A 148 5.35 -18.02 -0.27
C HIS A 148 5.32 -19.35 0.44
N ASN A 149 6.51 -19.93 0.59
CA ASN A 149 6.83 -20.95 1.55
C ASN A 149 6.49 -22.34 1.15
N GLY A 150 6.31 -22.59 -0.15
CA GLY A 150 6.18 -23.96 -0.65
C GLY A 150 4.72 -24.43 -0.61
N GLY A 151 4.54 -25.72 -0.87
CA GLY A 151 3.28 -26.26 -1.34
C GLY A 151 2.60 -27.21 -0.36
N PHE A 152 3.16 -27.35 0.85
CA PHE A 152 2.67 -28.37 1.82
C PHE A 152 1.28 -27.96 2.30
N GLY A 153 0.37 -28.90 2.38
CA GLY A 153 -0.91 -28.71 3.06
C GLY A 153 -2.07 -28.36 2.18
N TYR A 154 -1.81 -27.72 1.04
CA TYR A 154 -2.89 -27.12 0.27
C TYR A 154 -3.73 -28.15 -0.42
N ALA A 155 -3.12 -29.23 -0.92
CA ALA A 155 -3.91 -30.32 -1.46
C ALA A 155 -4.90 -30.87 -0.43
N THR A 156 -4.40 -31.09 0.78
CA THR A 156 -5.24 -31.56 1.86
C THR A 156 -6.42 -30.60 2.16
N MET A 157 -6.16 -29.30 2.14
CA MET A 157 -7.22 -28.29 2.33
C MET A 157 -8.24 -28.38 1.24
N VAL A 158 -7.77 -28.44 -0.01
CA VAL A 158 -8.69 -28.60 -1.13
C VAL A 158 -9.56 -29.85 -1.01
N ASN A 159 -8.93 -30.99 -0.73
CA ASN A 159 -9.69 -32.22 -0.56
C ASN A 159 -10.68 -32.13 0.60
N THR A 160 -10.30 -31.50 1.70
CA THR A 160 -11.22 -31.33 2.82
C THR A 160 -12.42 -30.47 2.44
N PHE A 161 -12.18 -29.35 1.73
CA PHE A 161 -13.28 -28.50 1.27
C PHE A 161 -14.25 -29.27 0.38
N ARG A 162 -13.72 -30.05 -0.57
CA ARG A 162 -14.58 -30.86 -1.41
C ARG A 162 -15.46 -31.85 -0.69
N GLN A 163 -14.89 -32.51 0.33
CA GLN A 163 -15.68 -33.43 1.16
C GLN A 163 -16.87 -32.66 1.76
N TYR A 164 -16.57 -31.46 2.28
CA TYR A 164 -17.61 -30.60 2.85
C TYR A 164 -18.63 -30.15 1.81
N PHE A 165 -18.16 -29.76 0.61
CA PHE A 165 -19.05 -29.34 -0.46
C PHE A 165 -20.05 -30.45 -0.77
N ASN A 166 -19.54 -31.68 -0.78
CA ASN A 166 -20.38 -32.84 -1.14
C ASN A 166 -21.44 -33.20 -0.13
N GLN A 167 -21.35 -32.66 1.09
CA GLN A 167 -22.43 -32.78 2.05
C GLN A 167 -23.57 -31.79 1.76
N VAL A 168 -23.39 -30.86 0.83
CA VAL A 168 -24.41 -29.86 0.48
C VAL A 168 -24.71 -30.01 -1.01
N PRO A 169 -25.30 -31.13 -1.41
CA PRO A 169 -25.32 -31.40 -2.85
C PRO A 169 -26.24 -30.44 -3.60
N GLU A 170 -27.13 -29.74 -2.89
CA GLU A 170 -28.04 -28.80 -3.52
C GLU A 170 -27.43 -27.42 -3.91
N ARG A 171 -26.16 -27.17 -3.59
CA ARG A 171 -25.52 -25.88 -3.87
C ARG A 171 -24.13 -26.12 -4.42
N LYS A 172 -23.73 -25.37 -5.43
CA LYS A 172 -22.40 -25.52 -6.04
C LYS A 172 -21.44 -24.58 -5.31
N PHE A 173 -20.27 -25.08 -4.93
CA PHE A 173 -19.16 -24.26 -4.41
C PHE A 173 -17.94 -24.52 -5.29
N TYR A 174 -16.96 -23.62 -5.24
CA TYR A 174 -15.85 -23.62 -6.18
C TYR A 174 -14.50 -23.47 -5.45
N LEU A 175 -13.47 -24.06 -6.03
CA LEU A 175 -12.12 -23.93 -5.54
C LEU A 175 -11.23 -23.44 -6.67
N SER A 176 -10.37 -22.49 -6.36
CA SER A 176 -9.44 -21.97 -7.36
C SER A 176 -8.04 -21.79 -6.82
N ALA A 177 -7.08 -21.61 -7.74
CA ALA A 177 -5.67 -21.43 -7.44
C ALA A 177 -5.07 -20.36 -8.32
N ALA A 178 -4.07 -19.65 -7.79
CA ALA A 178 -3.40 -18.58 -8.47
C ALA A 178 -1.87 -18.78 -8.56
N PRO A 179 -1.44 -19.82 -9.29
CA PRO A 179 0.00 -20.00 -9.47
C PRO A 179 0.60 -18.89 -10.33
N GLN A 180 1.91 -18.73 -10.24
CA GLN A 180 2.65 -17.91 -11.19
C GLN A 180 3.08 -18.76 -12.35
N CYS A 181 3.76 -18.17 -13.33
CA CYS A 181 3.79 -18.77 -14.65
C CYS A 181 4.83 -19.89 -14.78
N ILE A 182 5.91 -19.84 -14.00
CA ILE A 182 6.97 -20.84 -14.12
C ILE A 182 6.43 -22.17 -13.65
N ILE A 183 6.69 -23.22 -14.43
CA ILE A 183 6.37 -24.58 -14.05
C ILE A 183 7.69 -25.28 -13.70
N PRO A 184 7.77 -25.97 -12.55
CA PRO A 184 6.78 -26.15 -11.50
C PRO A 184 6.65 -24.91 -10.65
N ASP A 185 5.44 -24.70 -10.18
CA ASP A 185 5.16 -23.56 -9.30
C ASP A 185 5.42 -24.06 -7.85
N ALA A 186 6.32 -23.37 -7.13
CA ALA A 186 6.80 -23.87 -5.82
C ALA A 186 5.68 -23.97 -4.78
N GLN A 187 4.64 -23.16 -4.94
CA GLN A 187 3.54 -23.07 -3.94
C GLN A 187 2.37 -23.95 -4.32
N LEU A 188 2.10 -24.12 -5.62
CA LEU A 188 0.81 -24.67 -6.05
C LEU A 188 0.84 -25.84 -7.03
N SER A 189 2.02 -26.21 -7.59
CA SER A 189 2.04 -27.37 -8.45
C SER A 189 1.63 -28.65 -7.73
N ASP A 190 2.01 -28.82 -6.47
CA ASP A 190 1.64 -30.00 -5.68
C ASP A 190 0.10 -30.06 -5.53
N ALA A 191 -0.51 -28.95 -5.10
CA ALA A 191 -1.95 -28.93 -4.94
C ALA A 191 -2.69 -29.18 -6.28
N ILE A 192 -2.16 -28.60 -7.36
CA ILE A 192 -2.81 -28.77 -8.68
C ILE A 192 -2.65 -30.21 -9.16
N PHE A 193 -1.47 -30.81 -8.90
CA PHE A 193 -1.27 -32.23 -9.28
C PHE A 193 -2.13 -33.22 -8.50
N ASN A 194 -2.28 -32.97 -7.20
CA ASN A 194 -2.86 -33.92 -6.24
C ASN A 194 -4.33 -33.64 -5.87
N ALA A 195 -4.84 -32.43 -6.11
CA ALA A 195 -6.24 -32.11 -5.83
C ALA A 195 -6.91 -31.40 -7.03
N ALA A 196 -8.24 -31.27 -6.97
CA ALA A 196 -9.02 -30.82 -8.11
C ALA A 196 -9.50 -29.35 -7.89
N PHE A 197 -8.92 -28.41 -8.63
CA PHE A 197 -9.47 -27.05 -8.70
C PHE A 197 -10.48 -26.93 -9.82
N ASP A 198 -11.46 -26.04 -9.64
CA ASP A 198 -12.39 -25.69 -10.71
C ASP A 198 -11.79 -24.65 -11.68
N PHE A 199 -11.08 -23.66 -11.13
CA PHE A 199 -10.48 -22.58 -11.89
C PHE A 199 -9.04 -22.43 -11.46
N ILE A 200 -8.17 -22.19 -12.43
CA ILE A 200 -6.79 -21.86 -12.15
C ILE A 200 -6.42 -20.63 -12.95
N TRP A 201 -6.09 -19.52 -12.26
CA TRP A 201 -5.68 -18.32 -12.91
C TRP A 201 -4.18 -18.18 -12.78
N ILE A 202 -3.51 -18.25 -13.92
CA ILE A 202 -2.05 -18.20 -13.92
C ILE A 202 -1.67 -16.74 -13.89
N GLN A 203 -0.90 -16.32 -12.88
CA GLN A 203 -0.46 -14.94 -12.85
C GLN A 203 0.60 -14.70 -13.93
N TYR A 204 0.28 -13.92 -14.98
CA TYR A 204 1.12 -13.76 -16.14
C TYR A 204 1.84 -12.40 -16.12
N TYR A 205 2.17 -11.94 -14.90
CA TYR A 205 2.88 -10.72 -14.65
C TYR A 205 3.92 -11.01 -13.53
N ASN A 206 4.99 -10.23 -13.56
CA ASN A 206 6.08 -10.17 -12.55
C ASN A 206 7.16 -11.22 -12.72
N THR A 207 7.04 -12.12 -13.70
CA THR A 207 8.10 -13.07 -13.99
C THR A 207 8.42 -13.00 -15.47
N ALA A 208 9.64 -12.60 -15.78
CA ALA A 208 10.00 -12.29 -17.17
C ALA A 208 9.97 -13.55 -18.06
N ALA A 209 10.31 -14.70 -17.48
CA ALA A 209 10.54 -15.88 -18.29
C ALA A 209 9.33 -16.30 -19.10
N CYS A 210 8.12 -16.04 -18.60
CA CYS A 210 6.89 -16.59 -19.20
C CYS A 210 5.66 -15.67 -19.18
N SER A 211 5.88 -14.36 -19.10
CA SER A 211 4.83 -13.36 -18.91
C SER A 211 3.93 -13.25 -20.15
N ALA A 212 2.74 -12.73 -19.93
CA ALA A 212 1.88 -12.34 -21.05
C ALA A 212 2.58 -11.31 -21.94
N LYS A 213 3.36 -10.39 -21.37
CA LYS A 213 4.05 -9.37 -22.19
C LYS A 213 5.00 -10.03 -23.19
N SER A 214 5.58 -11.18 -22.81
CA SER A 214 6.47 -11.92 -23.72
C SER A 214 5.77 -12.54 -24.94
N PHE A 215 4.45 -12.68 -24.93
CA PHE A 215 3.66 -12.96 -26.14
C PHE A 215 3.72 -11.82 -27.13
N ILE A 216 3.73 -10.61 -26.60
CA ILE A 216 3.79 -9.42 -27.41
C ILE A 216 5.20 -9.14 -27.86
N ASP A 217 6.15 -9.17 -26.95
CA ASP A 217 7.57 -9.05 -27.28
C ASP A 217 8.30 -10.35 -26.94
N THR A 218 8.52 -11.20 -27.94
CA THR A 218 9.03 -12.54 -27.70
C THR A 218 10.52 -12.57 -27.32
N SER A 219 11.20 -11.44 -27.39
CA SER A 219 12.56 -11.32 -26.88
C SER A 219 12.62 -11.34 -25.35
N LEU A 220 11.51 -11.13 -24.65
CA LEU A 220 11.52 -11.02 -23.20
C LEU A 220 11.53 -12.38 -22.48
N GLY A 221 11.11 -13.39 -23.19
CA GLY A 221 10.66 -14.65 -22.59
C GLY A 221 9.79 -15.45 -23.54
N THR A 222 9.17 -16.50 -23.02
CA THR A 222 8.29 -17.36 -23.82
C THR A 222 6.99 -17.61 -23.06
N PHE A 223 5.90 -17.08 -23.57
CA PHE A 223 4.59 -17.25 -22.95
C PHE A 223 4.20 -18.71 -23.00
N ASN A 224 3.79 -19.27 -21.88
CA ASN A 224 3.80 -20.73 -21.71
C ASN A 224 2.42 -21.29 -21.38
N PHE A 225 1.37 -20.66 -21.88
CA PHE A 225 0.01 -21.22 -21.70
C PHE A 225 -0.08 -22.64 -22.27
N ASP A 226 0.57 -22.92 -23.41
CA ASP A 226 0.65 -24.31 -23.93
C ASP A 226 1.14 -25.33 -22.89
N ALA A 227 2.19 -24.96 -22.18
CA ALA A 227 2.79 -25.81 -21.15
C ALA A 227 1.82 -26.00 -20.01
N TRP A 228 1.09 -24.95 -19.64
CA TRP A 228 0.09 -25.11 -18.57
C TRP A 228 -1.07 -26.01 -18.93
N VAL A 229 -1.53 -25.95 -20.17
CA VAL A 229 -2.54 -26.93 -20.65
C VAL A 229 -1.99 -28.36 -20.50
N THR A 230 -0.76 -28.58 -20.96
CA THR A 230 -0.15 -29.91 -20.86
C THR A 230 0.00 -30.39 -19.41
N VAL A 231 0.45 -29.53 -18.54
CA VAL A 231 0.63 -29.94 -17.16
C VAL A 231 -0.69 -30.28 -16.43
N LEU A 232 -1.75 -29.59 -16.82
CA LEU A 232 -3.08 -29.78 -16.27
C LEU A 232 -3.69 -31.10 -16.72
N LYS A 233 -3.55 -31.44 -18.01
CA LYS A 233 -4.08 -32.73 -18.53
C LYS A 233 -3.51 -33.93 -17.76
N ALA A 234 -2.30 -33.77 -17.27
CA ALA A 234 -1.65 -34.76 -16.39
C ALA A 234 -2.05 -34.78 -14.87
N SER A 235 -2.92 -33.86 -14.42
CA SER A 235 -3.10 -33.60 -12.98
C SER A 235 -4.50 -34.07 -12.48
N ALA A 236 -4.68 -34.11 -11.17
CA ALA A 236 -6.03 -34.20 -10.58
C ALA A 236 -6.91 -33.01 -10.94
N SER A 237 -6.30 -31.89 -11.35
CA SER A 237 -7.00 -30.73 -11.83
C SER A 237 -7.24 -30.77 -13.34
N LYS A 238 -7.24 -31.95 -13.95
CA LYS A 238 -7.38 -32.04 -15.43
C LYS A 238 -8.63 -31.40 -15.97
N ASP A 239 -9.71 -31.30 -15.19
CA ASP A 239 -10.93 -30.66 -15.65
C ASP A 239 -11.05 -29.16 -15.29
N ALA A 240 -10.00 -28.58 -14.72
CA ALA A 240 -9.98 -27.16 -14.42
C ALA A 240 -10.00 -26.35 -15.69
N LYS A 241 -10.60 -25.18 -15.62
CA LYS A 241 -10.40 -24.16 -16.64
C LYS A 241 -9.26 -23.18 -16.29
N LEU A 242 -8.48 -22.83 -17.29
CA LEU A 242 -7.26 -22.02 -17.12
C LEU A 242 -7.48 -20.62 -17.58
N TYR A 243 -7.15 -19.68 -16.72
CA TYR A 243 -7.35 -18.27 -17.00
C TYR A 243 -6.03 -17.57 -17.09
N VAL A 244 -5.98 -16.55 -17.92
CA VAL A 244 -4.82 -15.71 -18.07
C VAL A 244 -4.93 -14.52 -17.10
N GLY A 245 -4.03 -14.47 -16.11
CA GLY A 245 -4.03 -13.41 -15.10
C GLY A 245 -3.19 -12.22 -15.53
N LEU A 246 -3.77 -11.04 -15.47
CA LEU A 246 -3.16 -9.83 -16.01
C LEU A 246 -3.30 -8.69 -15.02
N PRO A 247 -2.35 -7.75 -15.03
CA PRO A 247 -2.56 -6.50 -14.29
C PRO A 247 -3.55 -5.59 -14.94
N ALA A 248 -4.37 -4.91 -14.14
CA ALA A 248 -5.45 -4.11 -14.71
C ALA A 248 -5.08 -2.67 -15.01
N SER A 249 -3.84 -2.28 -14.68
CA SER A 249 -3.30 -0.99 -15.03
C SER A 249 -1.79 -1.06 -15.10
N GLU A 250 -1.19 0.05 -15.51
CA GLU A 250 0.29 0.13 -15.54
C GLU A 250 0.96 0.07 -14.19
N THR A 251 0.25 0.34 -13.11
CA THR A 251 0.91 0.40 -11.80
C THR A 251 0.51 -0.74 -10.89
N ALA A 252 -0.38 -1.62 -11.38
CA ALA A 252 -0.86 -2.76 -10.56
C ALA A 252 0.19 -3.85 -10.33
N ALA A 253 1.19 -3.92 -11.19
CA ALA A 253 2.22 -4.89 -11.02
C ALA A 253 3.57 -4.24 -11.33
N ASN A 254 4.60 -5.06 -11.44
CA ASN A 254 5.93 -4.57 -11.75
C ASN A 254 5.93 -3.92 -13.14
N GLN A 255 6.86 -3.03 -13.40
CA GLN A 255 6.90 -2.31 -14.65
C GLN A 255 7.07 -3.29 -15.82
N GLY A 256 6.40 -3.02 -16.91
CA GLY A 256 6.51 -3.82 -18.10
C GLY A 256 5.61 -5.03 -18.28
N TYR A 257 4.63 -5.23 -17.42
CA TYR A 257 3.76 -6.41 -17.54
C TYR A 257 2.31 -6.15 -17.93
N TYR A 258 1.93 -4.87 -17.94
CA TYR A 258 0.59 -4.48 -18.36
C TYR A 258 0.47 -4.56 -19.87
N LEU A 259 -0.67 -5.07 -20.33
CA LEU A 259 -1.00 -5.12 -21.77
C LEU A 259 -2.14 -4.15 -22.07
N THR A 260 -2.02 -3.43 -23.18
CA THR A 260 -3.17 -2.70 -23.73
C THR A 260 -4.32 -3.65 -24.09
N PRO A 261 -5.59 -3.14 -24.12
CA PRO A 261 -6.67 -3.98 -24.64
C PRO A 261 -6.34 -4.65 -26.00
N ASP A 262 -5.75 -3.91 -26.93
CA ASP A 262 -5.42 -4.47 -28.24
C ASP A 262 -4.38 -5.63 -28.11
N GLU A 263 -3.44 -5.48 -27.20
CA GLU A 263 -2.45 -6.56 -26.95
C GLU A 263 -3.14 -7.78 -26.35
N VAL A 264 -4.04 -7.57 -25.39
CA VAL A 264 -4.78 -8.68 -24.81
C VAL A 264 -5.64 -9.37 -25.87
N GLU A 265 -6.27 -8.60 -26.76
CA GLU A 265 -7.09 -9.21 -27.79
C GLU A 265 -6.26 -10.16 -28.68
N SER A 266 -5.05 -9.75 -29.05
CA SER A 266 -4.17 -10.60 -29.87
C SER A 266 -3.83 -11.92 -29.15
N LEU A 267 -3.61 -11.88 -27.84
CA LEU A 267 -3.27 -13.06 -27.06
C LEU A 267 -4.48 -13.93 -26.91
N VAL A 268 -5.57 -13.31 -26.47
CA VAL A 268 -6.77 -14.09 -26.14
C VAL A 268 -7.38 -14.76 -27.38
N SER A 269 -7.39 -14.05 -28.49
CA SER A 269 -7.90 -14.60 -29.76
CA SER A 269 -7.93 -14.61 -29.72
C SER A 269 -7.13 -15.86 -30.17
N THR A 270 -5.78 -15.80 -30.09
CA THR A 270 -4.95 -16.98 -30.32
C THR A 270 -5.28 -18.12 -29.37
N TYR A 271 -5.28 -17.83 -28.07
CA TYR A 271 -5.41 -18.91 -27.11
C TYR A 271 -6.82 -19.45 -26.90
N MET A 272 -7.84 -18.60 -27.03
CA MET A 272 -9.22 -19.06 -26.92
C MET A 272 -9.55 -19.97 -28.14
N ASP A 273 -9.08 -19.59 -29.33
CA ASP A 273 -9.16 -20.46 -30.52
C ASP A 273 -8.42 -21.76 -30.38
N ARG A 274 -7.21 -21.72 -29.81
CA ARG A 274 -6.40 -22.92 -29.66
C ARG A 274 -6.94 -23.92 -28.66
N TYR A 275 -7.55 -23.44 -27.56
CA TYR A 275 -7.97 -24.27 -26.46
C TYR A 275 -9.42 -23.94 -26.12
N PRO A 276 -10.34 -24.28 -27.01
CA PRO A 276 -11.72 -23.84 -26.77
C PRO A 276 -12.39 -24.42 -25.51
N ASP A 277 -11.99 -25.61 -25.07
CA ASP A 277 -12.53 -26.16 -23.83
C ASP A 277 -11.78 -25.81 -22.56
N THR A 278 -10.46 -25.67 -22.61
CA THR A 278 -9.63 -25.45 -21.42
C THR A 278 -9.46 -23.96 -21.06
N PHE A 279 -9.49 -23.07 -22.06
CA PHE A 279 -9.29 -21.69 -21.82
C PHE A 279 -10.57 -21.18 -21.10
N GLY A 280 -10.41 -20.67 -19.89
CA GLY A 280 -11.56 -20.27 -19.08
C GLY A 280 -11.89 -18.78 -19.16
N GLY A 281 -10.90 -17.94 -19.46
CA GLY A 281 -11.09 -16.50 -19.47
C GLY A 281 -9.90 -15.74 -18.93
N ILE A 282 -10.18 -14.58 -18.34
CA ILE A 282 -9.14 -13.63 -17.87
C ILE A 282 -9.35 -13.43 -16.38
N MET A 283 -8.23 -13.31 -15.66
CA MET A 283 -8.24 -12.85 -14.24
C MET A 283 -7.50 -11.54 -14.17
N LEU A 284 -8.01 -10.61 -13.37
CA LEU A 284 -7.42 -9.31 -13.23
C LEU A 284 -6.94 -9.03 -11.81
N TRP A 285 -5.70 -8.53 -11.69
CA TRP A 285 -5.18 -7.90 -10.47
C TRP A 285 -5.16 -6.38 -10.73
N GLU A 286 -6.04 -5.58 -10.15
CA GLU A 286 -7.17 -5.94 -9.31
C GLU A 286 -8.26 -4.86 -9.46
N ALA A 287 -9.34 -4.92 -8.69
CA ALA A 287 -10.54 -4.12 -8.92
C ALA A 287 -10.27 -2.59 -8.99
N THR A 288 -9.51 -2.06 -8.05
CA THR A 288 -9.27 -0.60 -8.00
C THR A 288 -8.39 -0.15 -9.18
N ALA A 289 -7.37 -0.93 -9.50
CA ALA A 289 -6.56 -0.60 -10.69
C ALA A 289 -7.39 -0.63 -11.94
N SER A 290 -8.31 -1.61 -12.08
CA SER A 290 -9.24 -1.61 -13.23
C SER A 290 -10.10 -0.34 -13.24
N GLU A 291 -10.67 -0.03 -12.07
CA GLU A 291 -11.61 1.09 -12.00
C GLU A 291 -10.92 2.42 -12.30
N ASN A 292 -9.67 2.55 -11.90
CA ASN A 292 -8.93 3.79 -12.07
C ASN A 292 -8.31 3.87 -13.48
N ASN A 293 -8.35 2.78 -14.23
CA ASN A 293 -7.83 2.77 -15.60
C ASN A 293 -9.00 2.80 -16.58
N GLN A 294 -9.54 4.00 -16.77
CA GLN A 294 -10.66 4.22 -17.67
C GLN A 294 -10.11 4.44 -19.06
N ILE A 295 -10.64 3.70 -20.01
CA ILE A 295 -10.27 3.80 -21.39
C ILE A 295 -11.56 4.01 -22.15
N ASP A 296 -11.64 5.14 -22.86
CA ASP A 296 -12.85 5.46 -23.64
C ASP A 296 -14.09 5.37 -22.75
N GLY A 297 -13.95 5.83 -21.53
CA GLY A 297 -15.06 5.93 -20.61
C GLY A 297 -15.48 4.67 -19.89
N ALA A 298 -14.69 3.59 -19.96
CA ALA A 298 -15.00 2.37 -19.26
C ALA A 298 -13.76 1.77 -18.57
N PRO A 299 -13.97 1.14 -17.42
CA PRO A 299 -12.86 0.53 -16.75
C PRO A 299 -12.23 -0.62 -17.53
N TYR A 300 -10.99 -0.94 -17.17
CA TYR A 300 -10.24 -1.95 -17.95
C TYR A 300 -11.02 -3.27 -17.98
N ALA A 301 -11.63 -3.63 -16.86
CA ALA A 301 -12.35 -4.90 -16.77
C ALA A 301 -13.42 -4.99 -17.85
N ASP A 302 -14.13 -3.89 -18.14
CA ASP A 302 -15.19 -3.94 -19.17
C ASP A 302 -14.59 -4.23 -20.57
N HIS A 303 -13.43 -3.69 -20.85
CA HIS A 303 -12.73 -3.98 -22.07
C HIS A 303 -12.32 -5.45 -22.18
N MET A 304 -11.89 -6.06 -21.08
CA MET A 304 -11.57 -7.48 -21.07
C MET A 304 -12.77 -8.36 -21.39
N LYS A 305 -13.91 -8.03 -20.82
CA LYS A 305 -15.11 -8.83 -21.12
C LYS A 305 -15.49 -8.70 -22.59
N ASP A 306 -15.41 -7.51 -23.15
CA ASP A 306 -15.69 -7.30 -24.58
C ASP A 306 -14.82 -8.20 -25.47
N ILE A 307 -13.55 -8.32 -25.10
CA ILE A 307 -12.60 -9.16 -25.83
C ILE A 307 -13.03 -10.60 -25.72
N LEU A 308 -13.42 -11.01 -24.54
CA LEU A 308 -13.83 -12.39 -24.32
C LEU A 308 -15.13 -12.74 -25.08
N LEU A 309 -16.01 -11.77 -25.29
CA LEU A 309 -17.29 -12.02 -25.93
C LEU A 309 -17.23 -11.80 -27.43
N HIS A 310 -16.08 -11.43 -27.97
CA HIS A 310 -15.99 -10.90 -29.32
C HIS A 310 -15.72 -12.10 -30.20
N ARG B 1 8.83 5.77 23.61
CA ARG B 1 7.87 5.20 22.60
C ARG B 1 7.34 6.24 21.58
N SER B 2 7.25 7.51 21.98
CA SER B 2 6.96 8.60 21.05
C SER B 2 8.20 9.10 20.26
N ASN B 3 7.97 9.41 19.00
CA ASN B 3 9.02 9.60 18.04
C ASN B 3 9.30 11.11 17.86
N LEU B 4 10.53 11.42 17.48
CA LEU B 4 10.94 12.73 17.12
C LEU B 4 11.35 12.74 15.68
N ALA B 5 10.66 13.54 14.90
CA ALA B 5 11.00 13.79 13.50
C ALA B 5 11.58 15.19 13.29
N ILE B 6 12.43 15.34 12.30
CA ILE B 6 13.07 16.61 12.02
C ILE B 6 13.30 16.73 10.52
N TYR B 7 13.18 17.96 10.01
CA TYR B 7 13.60 18.26 8.63
C TYR B 7 15.07 18.62 8.54
N TRP B 8 15.69 18.26 7.43
CA TRP B 8 17.06 18.65 7.13
C TRP B 8 17.12 18.94 5.63
N GLY B 9 18.09 19.75 5.20
CA GLY B 9 18.28 19.99 3.75
C GLY B 9 18.19 21.47 3.40
N GLN B 10 17.47 22.24 4.19
CA GLN B 10 17.24 23.65 3.91
C GLN B 10 17.85 24.57 4.97
N GLY B 11 18.72 24.05 5.81
CA GLY B 11 19.41 24.87 6.81
C GLY B 11 20.58 25.63 6.23
N PRO B 12 20.63 26.94 6.46
CA PRO B 12 21.82 27.68 5.94
C PRO B 12 23.09 27.20 6.61
N ASN B 13 24.13 26.93 5.84
CA ASN B 13 25.39 26.38 6.36
C ASN B 13 25.24 25.08 7.13
N GLN B 14 24.21 24.31 6.80
CA GLN B 14 23.92 23.12 7.60
C GLN B 14 25.12 22.17 7.57
N LEU B 15 25.32 21.47 8.68
CA LEU B 15 26.22 20.33 8.67
C LEU B 15 25.64 19.21 7.80
N ARG B 16 26.52 18.36 7.29
CA ARG B 16 26.08 17.23 6.47
C ARG B 16 25.13 16.30 7.25
N LEU B 17 24.38 15.51 6.52
CA LEU B 17 23.38 14.65 7.13
C LEU B 17 23.97 13.70 8.17
N SER B 18 25.17 13.17 7.92
CA SER B 18 25.78 12.20 8.84
C SER B 18 25.98 12.79 10.24
N HIS B 19 26.12 14.11 10.34
CA HIS B 19 26.11 14.70 11.65
C HIS B 19 24.82 14.37 12.43
N PHE B 20 23.69 14.49 11.77
CA PHE B 20 22.41 14.24 12.39
C PHE B 20 22.08 12.72 12.50
N CYS B 21 22.64 11.92 11.61
CA CYS B 21 22.62 10.45 11.79
C CYS B 21 23.25 9.97 13.09
N GLN B 22 24.13 10.77 13.66
CA GLN B 22 24.75 10.45 14.93
C GLN B 22 24.07 11.08 16.13
N GLU B 23 23.00 11.83 15.90
CA GLU B 23 22.23 12.37 17.01
C GLU B 23 21.16 11.37 17.48
N THR B 24 21.42 10.79 18.65
CA THR B 24 20.69 9.63 19.12
C THR B 24 19.19 9.89 19.21
N SER B 25 18.83 11.12 19.58
CA SER B 25 17.44 11.50 19.83
C SER B 25 16.54 11.45 18.59
N LEU B 26 17.11 11.54 17.39
CA LEU B 26 16.27 11.63 16.20
C LEU B 26 15.76 10.26 15.72
N ASP B 27 14.45 10.17 15.44
CA ASP B 27 13.86 8.93 14.90
C ASP B 27 13.60 8.96 13.40
N ILE B 28 13.21 10.12 12.87
CA ILE B 28 12.81 10.22 11.47
C ILE B 28 13.42 11.54 10.98
N ILE B 29 14.06 11.50 9.83
CA ILE B 29 14.58 12.72 9.19
C ILE B 29 13.93 12.88 7.84
N ASN B 30 13.37 14.06 7.60
CA ASN B 30 12.72 14.36 6.34
C ASN B 30 13.65 15.24 5.56
N ILE B 31 14.08 14.78 4.42
CA ILE B 31 15.06 15.50 3.58
C ILE B 31 14.32 16.36 2.57
N GLY B 32 14.45 17.67 2.71
CA GLY B 32 13.70 18.63 1.88
C GLY B 32 14.65 19.35 0.90
N PHE B 33 14.30 19.47 -0.38
CA PHE B 33 12.96 19.16 -0.95
C PHE B 33 13.09 18.77 -2.42
N ILE B 34 12.19 17.90 -2.85
CA ILE B 34 11.80 17.87 -4.26
C ILE B 34 10.81 19.01 -4.45
N ASN B 35 11.32 20.16 -4.88
CA ASN B 35 10.56 21.38 -4.80
C ASN B 35 9.96 21.84 -6.13
N TYR B 36 10.39 21.22 -7.24
CA TYR B 36 9.87 21.54 -8.59
C TYR B 36 9.10 20.31 -9.12
N PHE B 37 7.87 20.53 -9.58
CA PHE B 37 6.97 19.45 -9.96
C PHE B 37 6.95 19.32 -11.48
N PRO B 38 6.69 18.10 -11.98
CA PRO B 38 6.91 17.85 -13.43
C PRO B 38 6.06 18.66 -14.38
N ASP B 39 4.85 19.01 -13.97
CA ASP B 39 3.99 19.76 -14.88
C ASP B 39 4.56 21.15 -15.20
N MET B 40 5.32 21.74 -14.32
CA MET B 40 5.81 23.07 -14.67
C MET B 40 7.34 23.17 -14.71
N SER B 41 8.03 22.04 -14.85
CA SER B 41 9.51 22.06 -14.82
C SER B 41 10.07 21.52 -16.12
N PRO B 42 11.33 21.87 -16.46
CA PRO B 42 11.90 21.46 -17.76
C PRO B 42 11.99 19.95 -17.91
N GLY B 43 11.57 19.48 -19.07
CA GLY B 43 11.58 18.06 -19.37
C GLY B 43 10.47 17.25 -18.76
N HIS B 44 9.57 17.92 -18.04
CA HIS B 44 8.66 17.24 -17.17
C HIS B 44 9.34 16.24 -16.30
N TRP B 45 10.50 16.62 -15.79
CA TRP B 45 11.12 15.94 -14.66
C TRP B 45 10.90 16.81 -13.42
N PRO B 46 10.76 16.19 -12.24
CA PRO B 46 10.82 17.00 -11.03
C PRO B 46 12.23 17.60 -10.82
N GLY B 47 12.34 18.58 -9.94
CA GLY B 47 13.64 19.15 -9.60
C GLY B 47 13.79 19.15 -8.09
N SER B 48 15.01 19.38 -7.64
CA SER B 48 15.36 19.23 -6.23
C SER B 48 16.26 20.39 -5.79
N ASN B 49 16.31 20.59 -4.48
CA ASN B 49 17.11 21.60 -3.84
C ASN B 49 17.42 21.09 -2.44
N PHE B 50 18.69 20.92 -2.13
CA PHE B 50 19.11 20.47 -0.80
C PHE B 50 20.16 21.44 -0.23
N GLY B 51 19.94 22.74 -0.44
CA GLY B 51 20.77 23.78 0.18
C GLY B 51 22.19 23.63 -0.24
N ASN B 52 23.09 23.63 0.71
CA ASN B 52 24.51 23.57 0.40
C ASN B 52 25.04 22.19 0.12
N GLN B 53 24.16 21.21 -0.04
CA GLN B 53 24.60 19.87 -0.35
C GLN B 53 24.49 19.75 -1.89
N CYS B 54 25.20 18.84 -2.48
CA CYS B 54 25.20 18.68 -3.96
C CYS B 54 26.06 19.71 -4.68
N ASP B 55 26.63 19.31 -5.81
CA ASP B 55 27.59 20.16 -6.55
C ASP B 55 26.90 21.16 -7.53
N GLY B 56 25.56 21.13 -7.57
CA GLY B 56 24.77 22.04 -8.38
C GLY B 56 24.57 21.67 -9.85
N SER B 57 25.22 20.60 -10.29
CA SER B 57 24.92 19.95 -11.54
C SER B 57 23.54 19.32 -11.55
N VAL B 58 22.99 19.22 -12.76
CA VAL B 58 21.65 18.72 -12.98
C VAL B 58 21.59 17.73 -14.11
N TYR B 59 20.60 16.86 -14.04
CA TYR B 59 20.35 15.88 -15.08
C TYR B 59 19.89 16.57 -16.34
N VAL B 60 20.19 15.90 -17.45
CA VAL B 60 19.74 16.32 -18.78
C VAL B 60 18.89 15.16 -19.29
N THR B 61 17.73 15.45 -19.88
CA THR B 61 16.84 14.35 -20.32
C THR B 61 17.46 13.60 -21.51
N ASN B 62 16.91 12.44 -21.86
CA ASN B 62 17.37 11.79 -23.10
C ASN B 62 17.15 12.64 -24.33
N ASP B 63 16.14 13.50 -24.30
CA ASP B 63 15.94 14.47 -25.39
C ASP B 63 16.83 15.71 -25.37
N GLY B 64 17.81 15.78 -24.46
CA GLY B 64 18.70 16.95 -24.41
C GLY B 64 18.16 18.14 -23.62
N VAL B 65 17.18 17.92 -22.74
CA VAL B 65 16.62 19.05 -22.00
C VAL B 65 17.22 19.12 -20.60
N VAL B 66 17.68 20.30 -20.23
CA VAL B 66 18.32 20.51 -18.93
C VAL B 66 17.24 20.57 -17.87
N THR B 67 17.34 19.70 -16.88
CA THR B 67 16.32 19.65 -15.82
C THR B 67 16.73 20.48 -14.59
N LYS B 68 15.86 20.48 -13.59
CA LYS B 68 16.17 21.04 -12.28
C LYS B 68 16.49 19.99 -11.23
N LEU B 69 16.70 18.75 -11.67
CA LEU B 69 16.94 17.62 -10.77
C LEU B 69 18.45 17.52 -10.55
N LEU B 70 18.88 17.77 -9.31
CA LEU B 70 20.31 17.74 -8.97
C LEU B 70 20.90 16.31 -9.14
N SER B 71 22.06 16.25 -9.81
CA SER B 71 22.69 14.98 -10.19
C SER B 71 23.96 14.65 -9.41
N GLY B 72 24.37 15.51 -8.49
CA GLY B 72 25.65 15.28 -7.79
C GLY B 72 25.56 15.44 -6.28
N CYS B 73 24.66 14.71 -5.65
CA CYS B 73 24.42 14.79 -4.23
C CYS B 73 25.20 13.68 -3.51
N HIS B 74 26.52 13.67 -3.68
CA HIS B 74 27.35 12.56 -3.25
C HIS B 74 27.29 12.42 -1.71
N GLN B 75 27.30 13.53 -1.00
CA GLN B 75 27.26 13.47 0.46
C GLN B 75 25.97 12.92 1.03
N ILE B 76 24.83 13.26 0.42
CA ILE B 76 23.56 12.72 0.83
C ILE B 76 23.54 11.21 0.60
N MET B 77 24.04 10.80 -0.56
CA MET B 77 24.13 9.39 -0.89
C MET B 77 24.97 8.64 0.14
N GLU B 78 26.09 9.25 0.53
CA GLU B 78 27.00 8.63 1.51
C GLU B 78 26.35 8.52 2.90
N ASP B 79 25.50 9.48 3.26
CA ASP B 79 25.07 9.66 4.64
C ASP B 79 23.75 8.97 4.97
N ILE B 80 22.86 8.83 4.01
CA ILE B 80 21.54 8.22 4.29
C ILE B 80 21.74 6.82 4.94
N PRO B 81 22.60 5.99 4.39
CA PRO B 81 22.76 4.68 5.07
C PRO B 81 23.28 4.68 6.52
N ILE B 82 24.04 5.68 6.91
CA ILE B 82 24.49 5.84 8.28
C ILE B 82 23.28 6.05 9.17
N CYS B 83 22.34 6.92 8.74
CA CYS B 83 21.11 7.12 9.48
C CYS B 83 20.35 5.80 9.58
N GLN B 84 20.29 5.09 8.46
CA GLN B 84 19.50 3.85 8.42
C GLN B 84 20.14 2.76 9.31
N ALA B 85 21.45 2.68 9.30
CA ALA B 85 22.13 1.72 10.17
C ALA B 85 21.93 2.06 11.65
N ALA B 86 21.72 3.34 11.93
CA ALA B 86 21.40 3.78 13.29
C ALA B 86 19.93 3.61 13.68
N GLY B 87 19.14 3.00 12.81
CA GLY B 87 17.73 2.73 13.06
C GLY B 87 16.77 3.89 12.77
N LYS B 88 17.24 4.93 12.08
CA LYS B 88 16.39 6.07 11.72
C LYS B 88 15.69 5.83 10.40
N LYS B 89 14.50 6.41 10.24
CA LYS B 89 13.80 6.41 8.99
C LYS B 89 14.13 7.72 8.28
N VAL B 90 14.46 7.63 7.00
CA VAL B 90 14.73 8.78 6.18
C VAL B 90 13.70 8.89 5.07
N LEU B 91 12.97 10.00 5.04
CA LEU B 91 11.90 10.18 4.07
C LEU B 91 12.29 11.35 3.21
N LEU B 92 12.01 11.22 1.93
CA LEU B 92 12.26 12.28 0.95
C LEU B 92 11.03 13.17 0.90
N SER B 93 11.22 14.46 1.17
CA SER B 93 10.10 15.40 1.24
C SER B 93 9.86 16.13 -0.08
N ILE B 94 8.58 16.23 -0.44
CA ILE B 94 8.10 16.79 -1.67
C ILE B 94 7.40 18.13 -1.31
N GLY B 95 7.75 19.19 -2.03
CA GLY B 95 7.12 20.50 -1.84
C GLY B 95 8.03 21.49 -1.12
N GLY B 96 7.61 21.91 0.06
CA GLY B 96 8.23 22.96 0.84
C GLY B 96 7.66 24.31 0.45
N ALA B 97 8.04 25.34 1.17
CA ALA B 97 7.39 26.67 1.01
C ALA B 97 7.82 27.43 -0.25
N TYR B 98 8.94 27.06 -0.88
CA TYR B 98 9.45 27.81 -2.04
C TYR B 98 9.93 26.90 -3.17
N PRO B 99 9.50 27.16 -4.40
CA PRO B 99 8.70 28.29 -4.90
C PRO B 99 7.21 28.17 -4.67
N PRO B 100 6.47 29.24 -4.93
CA PRO B 100 5.07 29.16 -4.57
C PRO B 100 4.16 28.72 -5.70
N ASP B 101 4.72 28.32 -6.83
CA ASP B 101 3.91 28.12 -8.05
C ASP B 101 3.82 26.69 -8.59
N GLN B 102 4.05 25.68 -7.72
CA GLN B 102 4.15 24.30 -8.17
C GLN B 102 2.91 23.56 -7.69
N SER B 103 2.35 22.73 -8.56
CA SER B 103 1.13 21.94 -8.29
C SER B 103 1.11 20.77 -9.27
N ILE B 104 0.10 19.91 -9.11
CA ILE B 104 -0.16 18.82 -10.00
C ILE B 104 -1.39 19.14 -10.84
N LEU B 105 -1.27 18.95 -12.15
CA LEU B 105 -2.33 19.37 -13.09
C LEU B 105 -3.32 18.30 -13.50
N SER B 106 -2.95 17.02 -13.45
CA SER B 106 -3.84 15.97 -13.94
C SER B 106 -3.62 14.69 -13.14
N GLU B 107 -4.60 13.81 -13.15
CA GLU B 107 -4.43 12.51 -12.50
C GLU B 107 -3.27 11.72 -13.17
N ASP B 108 -3.14 11.80 -14.49
CA ASP B 108 -2.03 11.11 -15.19
C ASP B 108 -0.65 11.64 -14.71
N SER B 109 -0.54 12.94 -14.49
CA SER B 109 0.75 13.48 -14.09
C SER B 109 0.98 13.18 -12.61
N ALA B 110 -0.07 13.06 -11.80
CA ALA B 110 0.08 12.62 -10.38
C ALA B 110 0.71 11.23 -10.36
N VAL B 111 0.14 10.33 -11.15
CA VAL B 111 0.67 8.97 -11.19
C VAL B 111 2.13 8.96 -11.69
N ALA B 112 2.40 9.67 -12.78
CA ALA B 112 3.76 9.76 -13.34
C ALA B 112 4.80 10.34 -12.37
N PHE B 113 4.39 11.30 -11.55
CA PHE B 113 5.24 11.91 -10.53
C PHE B 113 5.64 10.84 -9.51
N ALA B 114 4.70 10.04 -9.06
CA ALA B 114 5.06 8.96 -8.12
C ALA B 114 5.92 7.91 -8.80
N THR B 115 5.59 7.56 -10.02
CA THR B 115 6.40 6.59 -10.79
C THR B 115 7.87 7.06 -10.89
N PHE B 116 8.05 8.33 -11.16
CA PHE B 116 9.40 8.86 -11.31
C PHE B 116 10.14 8.78 -9.99
N LEU B 117 9.53 9.28 -8.92
CA LEU B 117 10.21 9.31 -7.65
C LEU B 117 10.50 7.90 -7.12
N TRP B 118 9.56 6.97 -7.34
CA TRP B 118 9.75 5.59 -6.90
C TRP B 118 10.92 4.94 -7.66
N GLY B 119 10.99 5.20 -8.96
CA GLY B 119 12.08 4.69 -9.79
C GLY B 119 13.43 5.30 -9.40
N ALA B 120 13.44 6.60 -9.11
CA ALA B 120 14.67 7.34 -8.90
C ALA B 120 15.21 7.16 -7.50
N PHE B 121 14.32 7.06 -6.51
CA PHE B 121 14.71 7.08 -5.10
C PHE B 121 14.28 5.87 -4.28
N GLY B 122 13.41 5.02 -4.84
CA GLY B 122 13.03 3.79 -4.19
C GLY B 122 14.00 2.65 -4.53
N PRO B 123 13.54 1.40 -4.38
CA PRO B 123 14.33 0.22 -4.75
C PRO B 123 14.92 0.34 -6.15
N VAL B 124 16.15 -0.13 -6.30
CA VAL B 124 16.76 -0.32 -7.62
C VAL B 124 15.97 -1.40 -8.35
N ALA B 125 15.49 -1.08 -9.54
CA ALA B 125 14.65 -2.00 -10.32
C ALA B 125 15.31 -2.24 -11.67
N GLU B 126 15.24 -3.47 -12.19
CA GLU B 126 16.21 -3.89 -13.25
C GLU B 126 16.02 -3.08 -14.55
N GLY B 127 14.76 -2.88 -14.95
CA GLY B 127 14.44 -2.03 -16.12
C GLY B 127 14.33 -0.53 -15.89
N TRP B 128 14.79 -0.01 -14.76
CA TRP B 128 14.70 1.41 -14.56
C TRP B 128 15.81 2.03 -15.38
N GLU B 129 15.45 2.90 -16.27
CA GLU B 129 16.44 3.57 -17.08
C GLU B 129 16.60 5.05 -16.75
N GLY B 130 15.97 5.49 -15.69
CA GLY B 130 16.01 6.87 -15.25
C GLY B 130 17.18 7.24 -14.36
N PRO B 131 17.17 8.43 -13.79
CA PRO B 131 18.25 8.83 -12.86
C PRO B 131 18.19 8.07 -11.52
N ARG B 132 19.34 8.00 -10.85
CA ARG B 132 19.44 7.57 -9.47
C ARG B 132 20.21 8.63 -8.68
N PRO B 133 19.53 9.69 -8.25
CA PRO B 133 20.24 10.83 -7.69
C PRO B 133 20.98 10.54 -6.37
N PHE B 134 20.51 9.57 -5.60
CA PHE B 134 21.23 9.13 -4.40
C PHE B 134 21.85 7.74 -4.60
N GLY B 135 22.13 7.38 -5.84
CA GLY B 135 22.72 6.08 -6.16
C GLY B 135 21.88 4.91 -5.74
N ASP B 136 22.50 3.90 -5.15
CA ASP B 136 21.79 2.69 -4.77
C ASP B 136 21.04 2.84 -3.46
N VAL B 137 21.10 4.00 -2.83
CA VAL B 137 20.32 4.26 -1.60
C VAL B 137 18.83 4.08 -1.87
N VAL B 138 18.13 3.54 -0.88
CA VAL B 138 16.68 3.40 -0.93
C VAL B 138 16.10 4.15 0.27
N VAL B 139 15.38 5.24 -0.02
CA VAL B 139 14.71 6.00 1.04
C VAL B 139 13.62 5.13 1.68
N ASP B 140 13.26 5.47 2.90
CA ASP B 140 12.27 4.73 3.64
C ASP B 140 10.85 5.20 3.31
N GLY B 141 10.70 6.24 2.50
CA GLY B 141 9.37 6.70 2.09
C GLY B 141 9.36 8.17 1.70
N PHE B 142 8.17 8.77 1.66
CA PHE B 142 7.96 10.09 1.04
C PHE B 142 7.10 10.93 1.95
N ASP B 143 7.50 12.19 2.12
CA ASP B 143 6.80 13.16 2.92
C ASP B 143 6.18 14.23 2.00
N PHE B 144 4.90 14.52 2.22
CA PHE B 144 4.14 15.49 1.42
C PHE B 144 4.02 16.80 2.19
N ASP B 145 4.97 17.70 1.93
CA ASP B 145 4.98 19.04 2.52
C ASP B 145 4.48 20.03 1.49
N ILE B 146 3.21 19.89 1.14
CA ILE B 146 2.62 20.72 0.11
C ILE B 146 2.03 21.97 0.77
N GLU B 147 2.50 23.15 0.33
CA GLU B 147 2.19 24.37 1.04
C GLU B 147 1.45 25.42 0.23
N HIS B 148 1.22 25.15 -1.06
CA HIS B 148 0.58 26.14 -1.95
C HIS B 148 -0.21 25.43 -3.00
N ASN B 149 -1.26 26.10 -3.48
CA ASN B 149 -1.95 25.82 -4.74
C ASN B 149 -2.99 24.72 -4.67
N GLY B 150 -3.41 24.35 -3.45
CA GLY B 150 -4.53 23.43 -3.32
C GLY B 150 -4.13 21.96 -3.33
N GLY B 151 -5.13 21.07 -3.35
CA GLY B 151 -4.94 19.67 -2.97
C GLY B 151 -5.08 18.67 -4.10
N PHE B 152 -5.19 19.16 -5.35
CA PHE B 152 -5.40 18.30 -6.50
C PHE B 152 -4.23 17.32 -6.69
N GLY B 153 -4.55 16.05 -6.90
CA GLY B 153 -3.55 15.06 -7.35
C GLY B 153 -2.77 14.35 -6.27
N TYR B 154 -2.64 14.92 -5.08
CA TYR B 154 -1.81 14.29 -4.07
C TYR B 154 -2.34 12.94 -3.58
N ALA B 155 -3.65 12.82 -3.43
CA ALA B 155 -4.24 11.50 -3.08
C ALA B 155 -3.85 10.43 -4.06
N THR B 156 -3.96 10.73 -5.35
CA THR B 156 -3.55 9.80 -6.39
C THR B 156 -2.07 9.47 -6.27
N MET B 157 -1.25 10.49 -6.01
CA MET B 157 0.15 10.24 -5.89
C MET B 157 0.48 9.34 -4.70
N VAL B 158 -0.18 9.58 -3.57
CA VAL B 158 0.06 8.78 -2.37
C VAL B 158 -0.40 7.34 -2.60
N ASN B 159 -1.58 7.17 -3.19
CA ASN B 159 -2.11 5.84 -3.46
C ASN B 159 -1.27 5.10 -4.50
N THR B 160 -0.65 5.83 -5.42
CA THR B 160 0.24 5.23 -6.36
C THR B 160 1.48 4.71 -5.60
N PHE B 161 2.06 5.53 -4.70
CA PHE B 161 3.20 5.04 -3.91
C PHE B 161 2.77 3.78 -3.14
N ARG B 162 1.59 3.82 -2.56
CA ARG B 162 1.08 2.65 -1.77
C ARG B 162 1.01 1.38 -2.61
N GLN B 163 0.58 1.44 -3.87
CA GLN B 163 0.58 0.29 -4.78
C GLN B 163 1.98 -0.14 -5.07
N TYR B 164 2.87 0.83 -5.27
CA TYR B 164 4.25 0.49 -5.47
C TYR B 164 4.90 -0.18 -4.24
N PHE B 165 4.59 0.28 -3.02
CA PHE B 165 5.17 -0.29 -1.83
C PHE B 165 4.68 -1.75 -1.68
N ASN B 166 3.36 -1.96 -1.87
CA ASN B 166 2.70 -3.28 -1.61
C ASN B 166 3.28 -4.32 -2.52
N GLN B 167 4.04 -3.89 -3.49
CA GLN B 167 4.81 -4.79 -4.33
C GLN B 167 5.98 -5.41 -3.68
N VAL B 168 6.42 -4.92 -2.52
CA VAL B 168 7.77 -5.32 -1.92
C VAL B 168 7.46 -5.64 -0.51
N PRO B 169 6.68 -6.69 -0.33
CA PRO B 169 6.10 -6.92 0.96
C PRO B 169 7.13 -7.18 2.01
N GLU B 170 8.37 -7.44 1.62
CA GLU B 170 9.35 -7.76 2.65
C GLU B 170 9.94 -6.51 3.33
N ARG B 171 9.65 -5.31 2.82
CA ARG B 171 10.20 -4.09 3.40
C ARG B 171 9.07 -3.12 3.69
N LYS B 172 9.11 -2.44 4.83
CA LYS B 172 8.09 -1.44 5.14
C LYS B 172 8.53 -0.06 4.63
N PHE B 173 7.67 0.63 3.90
CA PHE B 173 7.93 2.04 3.50
C PHE B 173 6.86 2.90 4.10
N TYR B 174 7.08 4.21 4.12
CA TYR B 174 6.24 5.13 4.89
C TYR B 174 5.83 6.35 4.05
N LEU B 175 4.64 6.85 4.33
CA LEU B 175 4.12 8.06 3.72
C LEU B 175 3.70 9.01 4.84
N SER B 176 4.07 10.28 4.69
CA SER B 176 3.73 11.29 5.67
C SER B 176 3.26 12.59 5.00
N ALA B 177 2.63 13.42 5.83
CA ALA B 177 2.06 14.70 5.38
C ALA B 177 2.30 15.77 6.40
N ALA B 178 2.48 16.99 5.95
CA ALA B 178 2.77 18.14 6.80
C ALA B 178 1.76 19.28 6.59
N PRO B 179 0.51 19.07 6.98
CA PRO B 179 -0.48 20.14 6.89
C PRO B 179 -0.19 21.26 7.88
N GLN B 180 -0.80 22.42 7.65
CA GLN B 180 -0.84 23.45 8.65
C GLN B 180 -2.09 23.33 9.50
N CYS B 181 -2.30 24.23 10.47
CA CYS B 181 -3.20 23.90 11.57
C CYS B 181 -4.68 24.10 11.24
N ILE B 182 -4.99 25.02 10.35
CA ILE B 182 -6.38 25.28 9.94
C ILE B 182 -6.99 24.05 9.33
N ILE B 183 -8.21 23.71 9.76
CA ILE B 183 -8.99 22.63 9.16
C ILE B 183 -10.14 23.22 8.36
N PRO B 184 -10.31 22.81 7.10
CA PRO B 184 -9.59 21.84 6.33
C PRO B 184 -8.27 22.45 5.78
N ASP B 185 -7.24 21.65 5.74
CA ASP B 185 -5.99 22.11 5.14
C ASP B 185 -6.17 22.17 3.62
N ALA B 186 -5.93 23.34 3.03
CA ALA B 186 -6.22 23.59 1.63
C ALA B 186 -5.45 22.64 0.72
N GLN B 187 -4.24 22.23 1.13
CA GLN B 187 -3.39 21.44 0.25
C GLN B 187 -3.53 19.91 0.52
N LEU B 188 -3.81 19.53 1.76
CA LEU B 188 -3.66 18.12 2.16
C LEU B 188 -4.93 17.46 2.73
N SER B 189 -6.00 18.21 2.93
CA SER B 189 -7.25 17.59 3.38
C SER B 189 -7.73 16.52 2.40
N ASP B 190 -7.70 16.81 1.10
CA ASP B 190 -8.17 15.85 0.14
C ASP B 190 -7.34 14.55 0.26
N ALA B 191 -6.02 14.69 0.23
CA ALA B 191 -5.16 13.50 0.42
C ALA B 191 -5.47 12.73 1.72
N ILE B 192 -5.68 13.42 2.83
CA ILE B 192 -5.85 12.76 4.12
C ILE B 192 -7.20 12.00 4.13
N PHE B 193 -8.21 12.52 3.42
CA PHE B 193 -9.48 11.79 3.26
C PHE B 193 -9.50 10.66 2.21
N ASN B 194 -8.49 10.62 1.34
CA ASN B 194 -8.50 9.64 0.29
C ASN B 194 -7.28 8.71 0.26
N ALA B 195 -6.40 8.79 1.27
CA ALA B 195 -5.18 8.02 1.32
C ALA B 195 -4.77 7.83 2.76
N ALA B 196 -4.11 6.71 3.04
CA ALA B 196 -3.66 6.41 4.38
C ALA B 196 -2.18 6.82 4.58
N PHE B 197 -1.97 7.86 5.38
CA PHE B 197 -0.64 8.26 5.77
C PHE B 197 -0.25 7.50 7.03
N ASP B 198 1.03 7.19 7.13
CA ASP B 198 1.64 6.67 8.37
C ASP B 198 1.78 7.72 9.47
N PHE B 199 2.22 8.91 9.09
CA PHE B 199 2.58 9.97 10.03
C PHE B 199 2.02 11.25 9.46
N ILE B 200 1.43 12.07 10.31
CA ILE B 200 0.98 13.39 9.93
C ILE B 200 1.51 14.35 10.96
N TRP B 201 2.36 15.29 10.53
CA TRP B 201 2.87 16.30 11.43
C TRP B 201 2.20 17.62 11.11
N ILE B 202 1.42 18.14 12.06
CA ILE B 202 0.75 19.40 11.87
C ILE B 202 1.77 20.48 12.20
N GLN B 203 2.02 21.37 11.23
CA GLN B 203 2.83 22.54 11.46
C GLN B 203 2.07 23.48 12.40
N TYR B 204 2.53 23.56 13.65
CA TYR B 204 1.87 24.40 14.65
C TYR B 204 2.56 25.75 14.88
N TYR B 205 3.11 26.30 13.80
CA TYR B 205 3.67 27.61 13.76
C TYR B 205 3.21 28.35 12.50
N ASN B 206 3.21 29.68 12.62
CA ASN B 206 3.01 30.64 11.55
C ASN B 206 1.56 30.94 11.23
N THR B 207 0.61 30.31 11.92
CA THR B 207 -0.80 30.64 11.77
C THR B 207 -1.37 30.89 13.14
N ALA B 208 -1.78 32.13 13.40
CA ALA B 208 -2.14 32.54 14.76
C ALA B 208 -3.37 31.83 15.32
N ALA B 209 -4.33 31.50 14.46
CA ALA B 209 -5.61 30.97 14.91
C ALA B 209 -5.51 29.68 15.70
N CYS B 210 -4.55 28.80 15.40
CA CYS B 210 -4.49 27.49 16.01
C CYS B 210 -3.08 27.05 16.43
N SER B 211 -2.15 27.99 16.58
CA SER B 211 -0.75 27.69 16.89
C SER B 211 -0.55 26.93 18.21
N ALA B 212 0.58 26.24 18.31
CA ALA B 212 1.02 25.67 19.61
C ALA B 212 1.16 26.78 20.68
N LYS B 213 1.66 27.94 20.27
CA LYS B 213 1.85 29.06 21.20
C LYS B 213 0.53 29.46 21.84
N SER B 214 -0.58 29.32 21.12
CA SER B 214 -1.89 29.62 21.68
C SER B 214 -2.34 28.64 22.77
N PHE B 215 -1.68 27.50 22.89
CA PHE B 215 -1.91 26.65 24.03
C PHE B 215 -1.34 27.29 25.29
N ILE B 216 -0.28 28.05 25.12
CA ILE B 216 0.41 28.71 26.22
C ILE B 216 -0.32 30.02 26.55
N ASP B 217 -0.57 30.81 25.50
CA ASP B 217 -1.29 32.05 25.66
C ASP B 217 -2.59 31.96 24.89
N THR B 218 -3.65 31.59 25.60
CA THR B 218 -4.92 31.29 24.95
C THR B 218 -5.64 32.50 24.42
N SER B 219 -5.12 33.70 24.71
CA SER B 219 -5.58 34.92 24.02
C SER B 219 -5.21 35.00 22.52
N LEU B 220 -4.25 34.20 22.04
CA LEU B 220 -3.76 34.34 20.66
C LEU B 220 -4.62 33.59 19.63
N GLY B 221 -5.36 32.57 20.08
CA GLY B 221 -6.00 31.60 19.19
C GLY B 221 -6.40 30.40 20.00
N THR B 222 -6.73 29.30 19.35
CA THR B 222 -7.15 28.12 20.05
C THR B 222 -6.41 26.91 19.45
N PHE B 223 -5.57 26.30 20.25
CA PHE B 223 -4.82 25.12 19.83
C PHE B 223 -5.77 23.99 19.56
N ASN B 224 -5.69 23.41 18.35
CA ASN B 224 -6.77 22.56 17.85
C ASN B 224 -6.38 21.11 17.58
N PHE B 225 -5.43 20.58 18.34
CA PHE B 225 -5.05 19.16 18.22
C PHE B 225 -6.26 18.28 18.41
N ASP B 226 -7.17 18.65 19.31
CA ASP B 226 -8.40 17.86 19.52
C ASP B 226 -9.16 17.73 18.18
N ALA B 227 -9.28 18.84 17.48
CA ALA B 227 -10.04 18.87 16.21
C ALA B 227 -9.32 18.06 15.14
N TRP B 228 -7.99 18.04 15.17
CA TRP B 228 -7.25 17.24 14.23
C TRP B 228 -7.44 15.75 14.50
N VAL B 229 -7.48 15.35 15.77
CA VAL B 229 -7.74 13.95 16.05
C VAL B 229 -9.12 13.54 15.48
N THR B 230 -10.11 14.42 15.67
CA THR B 230 -11.47 14.11 15.22
C THR B 230 -11.49 13.96 13.71
N VAL B 231 -10.82 14.85 13.01
CA VAL B 231 -10.88 14.73 11.56
C VAL B 231 -10.10 13.51 11.09
N LEU B 232 -8.95 13.23 11.71
CA LEU B 232 -8.18 12.04 11.34
C LEU B 232 -9.03 10.79 11.49
N LYS B 233 -9.74 10.69 12.60
CA LYS B 233 -10.53 9.49 12.92
C LYS B 233 -11.67 9.32 11.96
N ALA B 234 -12.05 10.42 11.33
CA ALA B 234 -13.08 10.43 10.28
C ALA B 234 -12.57 10.23 8.86
N SER B 235 -11.29 9.88 8.71
CA SER B 235 -10.62 9.88 7.42
C SER B 235 -10.02 8.54 7.08
N ALA B 236 -9.48 8.44 5.85
CA ALA B 236 -8.67 7.31 5.42
C ALA B 236 -7.32 7.15 6.19
N SER B 237 -6.90 8.22 6.84
CA SER B 237 -5.68 8.21 7.65
C SER B 237 -5.97 7.99 9.14
N LYS B 238 -7.10 7.33 9.43
CA LYS B 238 -7.48 7.09 10.81
C LYS B 238 -6.43 6.38 11.66
N ASP B 239 -5.56 5.59 11.06
CA ASP B 239 -4.53 4.93 11.85
C ASP B 239 -3.19 5.67 11.81
N ALA B 240 -3.16 6.89 11.26
CA ALA B 240 -1.93 7.70 11.30
C ALA B 240 -1.60 8.10 12.71
N LYS B 241 -0.31 8.25 12.98
CA LYS B 241 0.12 8.90 14.16
C LYS B 241 0.31 10.39 13.90
N LEU B 242 -0.15 11.21 14.83
CA LEU B 242 -0.27 12.63 14.68
C LEU B 242 0.77 13.34 15.56
N TYR B 243 1.60 14.16 14.93
CA TYR B 243 2.73 14.82 15.57
C TYR B 243 2.49 16.34 15.68
N VAL B 244 3.00 16.96 16.75
CA VAL B 244 3.02 18.41 16.91
C VAL B 244 4.31 18.94 16.25
N GLY B 245 4.17 19.74 15.19
CA GLY B 245 5.30 20.34 14.51
C GLY B 245 5.62 21.70 15.09
N LEU B 246 6.87 21.90 15.46
CA LEU B 246 7.32 23.07 16.18
C LEU B 246 8.61 23.63 15.61
N PRO B 247 8.80 24.96 15.72
CA PRO B 247 10.09 25.53 15.37
C PRO B 247 11.14 25.19 16.39
N ALA B 248 12.35 24.89 15.93
CA ALA B 248 13.42 24.41 16.81
C ALA B 248 14.24 25.55 17.45
N SER B 249 13.93 26.79 17.09
CA SER B 249 14.58 27.97 17.65
C SER B 249 13.67 29.19 17.53
N GLU B 250 14.04 30.27 18.22
CA GLU B 250 13.26 31.51 18.17
C GLU B 250 13.08 32.08 16.76
N THR B 251 14.07 31.87 15.88
CA THR B 251 14.05 32.40 14.50
C THR B 251 13.76 31.35 13.38
N ALA B 252 13.48 30.10 13.74
CA ALA B 252 13.26 29.06 12.75
C ALA B 252 11.96 29.30 12.02
N ALA B 253 10.98 29.91 12.70
CA ALA B 253 9.70 30.26 12.11
C ALA B 253 9.46 31.75 12.34
N ASN B 254 8.25 32.21 12.07
CA ASN B 254 7.93 33.60 12.35
C ASN B 254 7.91 33.87 13.84
N GLN B 255 7.95 35.14 14.14
CA GLN B 255 8.26 35.65 15.43
C GLN B 255 7.05 35.29 16.30
N GLY B 256 7.28 34.76 17.49
CA GLY B 256 6.19 34.40 18.42
C GLY B 256 5.64 32.97 18.35
N TYR B 257 6.28 32.07 17.60
CA TYR B 257 5.79 30.67 17.48
C TYR B 257 6.67 29.59 18.14
N TYR B 258 7.88 29.97 18.58
CA TYR B 258 8.75 29.10 19.37
C TYR B 258 8.25 28.93 20.80
N LEU B 259 8.30 27.69 21.27
CA LEU B 259 8.05 27.34 22.65
C LEU B 259 9.36 26.89 23.34
N THR B 260 9.54 27.34 24.58
CA THR B 260 10.63 26.85 25.40
C THR B 260 10.39 25.40 25.71
N PRO B 261 11.45 24.68 26.08
CA PRO B 261 11.22 23.30 26.50
C PRO B 261 10.16 23.16 27.59
N ASP B 262 10.12 24.05 28.57
CA ASP B 262 9.08 23.88 29.60
C ASP B 262 7.65 24.06 29.03
N GLU B 263 7.51 24.98 28.10
CA GLU B 263 6.23 25.18 27.44
C GLU B 263 5.81 23.96 26.65
N VAL B 264 6.75 23.37 25.91
CA VAL B 264 6.49 22.14 25.19
C VAL B 264 6.10 21.01 26.15
N GLU B 265 6.77 20.91 27.29
CA GLU B 265 6.46 19.85 28.21
C GLU B 265 5.02 19.97 28.67
N SER B 266 4.53 21.18 28.91
CA SER B 266 3.14 21.34 29.39
C SER B 266 2.13 20.96 28.31
N LEU B 267 2.43 21.30 27.06
CA LEU B 267 1.60 20.86 25.92
C LEU B 267 1.62 19.34 25.73
N VAL B 268 2.80 18.74 25.67
CA VAL B 268 2.92 17.34 25.32
C VAL B 268 2.38 16.45 26.42
N SER B 269 2.61 16.80 27.67
CA SER B 269 2.09 15.94 28.73
C SER B 269 0.54 15.93 28.72
N THR B 270 -0.09 17.07 28.46
CA THR B 270 -1.55 17.12 28.25
C THR B 270 -2.00 16.24 27.09
N TYR B 271 -1.41 16.44 25.92
CA TYR B 271 -1.89 15.77 24.71
C TYR B 271 -1.49 14.30 24.57
N MET B 272 -0.29 13.95 25.05
CA MET B 272 0.11 12.55 25.07
C MET B 272 -0.80 11.74 25.97
N ASP B 273 -1.10 12.28 27.15
CA ASP B 273 -2.03 11.63 28.09
C ASP B 273 -3.43 11.53 27.53
N ARG B 274 -3.90 12.59 26.88
CA ARG B 274 -5.25 12.59 26.29
C ARG B 274 -5.42 11.62 25.14
N TYR B 275 -4.38 11.45 24.32
CA TYR B 275 -4.44 10.67 23.08
C TYR B 275 -3.32 9.65 23.04
N PRO B 276 -3.36 8.64 23.93
CA PRO B 276 -2.25 7.70 24.03
C PRO B 276 -1.94 6.96 22.76
N ASP B 277 -2.96 6.60 22.00
CA ASP B 277 -2.76 5.84 20.78
C ASP B 277 -2.61 6.72 19.54
N THR B 278 -3.13 7.93 19.52
CA THR B 278 -3.03 8.78 18.30
C THR B 278 -1.82 9.70 18.30
N PHE B 279 -1.46 10.24 19.47
CA PHE B 279 -0.34 11.13 19.60
C PHE B 279 0.95 10.41 19.20
N GLY B 280 1.69 10.97 18.25
CA GLY B 280 2.83 10.29 17.65
C GLY B 280 4.17 10.81 18.15
N GLY B 281 4.22 12.06 18.55
CA GLY B 281 5.46 12.68 18.94
C GLY B 281 5.55 14.11 18.42
N ILE B 282 6.77 14.57 18.17
CA ILE B 282 7.07 15.99 17.86
C ILE B 282 7.79 15.99 16.54
N MET B 283 7.43 16.93 15.67
CA MET B 283 8.21 17.23 14.47
C MET B 283 8.86 18.58 14.65
N LEU B 284 10.10 18.74 14.16
CA LEU B 284 10.84 19.96 14.30
C LEU B 284 11.24 20.55 12.95
N TRP B 285 10.99 21.85 12.77
CA TRP B 285 11.58 22.61 11.71
C TRP B 285 12.69 23.47 12.37
N GLU B 286 13.97 23.16 12.24
CA GLU B 286 14.57 22.10 11.43
C GLU B 286 15.97 21.86 12.02
N ALA B 287 16.78 20.99 11.40
CA ALA B 287 17.96 20.41 12.05
C ALA B 287 19.01 21.47 12.43
N THR B 288 19.29 22.41 11.53
CA THR B 288 20.31 23.40 11.81
C THR B 288 19.85 24.40 12.89
N ALA B 289 18.59 24.79 12.88
CA ALA B 289 18.01 25.59 13.95
C ALA B 289 18.11 24.92 15.32
N SER B 290 17.87 23.62 15.35
CA SER B 290 18.01 22.82 16.58
C SER B 290 19.47 22.84 17.03
N GLU B 291 20.35 22.52 16.12
CA GLU B 291 21.76 22.40 16.43
C GLU B 291 22.32 23.72 16.95
N ASN B 292 21.84 24.84 16.38
CA ASN B 292 22.25 26.17 16.81
C ASN B 292 21.53 26.72 18.03
N ASN B 293 20.53 26.01 18.51
CA ASN B 293 19.83 26.40 19.72
C ASN B 293 20.21 25.43 20.85
N GLN B 294 21.40 25.66 21.41
CA GLN B 294 21.94 24.81 22.46
C GLN B 294 21.41 25.32 23.79
N ILE B 295 20.81 24.44 24.58
CA ILE B 295 20.33 24.79 25.91
C ILE B 295 20.91 23.79 26.92
N ASP B 296 21.57 24.30 27.96
CA ASP B 296 22.29 23.47 28.92
C ASP B 296 23.14 22.43 28.22
N GLY B 297 23.85 22.84 27.19
CA GLY B 297 24.81 22.00 26.54
C GLY B 297 24.24 20.97 25.57
N ALA B 298 22.93 21.05 25.26
CA ALA B 298 22.34 20.10 24.30
C ALA B 298 21.44 20.82 23.29
N PRO B 299 21.42 20.35 22.02
CA PRO B 299 20.54 20.96 21.04
C PRO B 299 19.05 20.82 21.39
N TYR B 300 18.23 21.69 20.82
CA TYR B 300 16.82 21.68 21.17
C TYR B 300 16.19 20.30 20.98
N ALA B 301 16.56 19.62 19.91
CA ALA B 301 15.98 18.31 19.61
C ALA B 301 16.20 17.29 20.74
N ASP B 302 17.36 17.37 21.38
CA ASP B 302 17.65 16.46 22.52
C ASP B 302 16.66 16.72 23.68
N HIS B 303 16.35 17.96 23.94
CA HIS B 303 15.33 18.30 24.94
C HIS B 303 13.92 17.81 24.57
N MET B 304 13.61 17.81 23.28
CA MET B 304 12.28 17.28 22.83
C MET B 304 12.16 15.78 23.10
N LYS B 305 13.21 15.03 22.80
CA LYS B 305 13.19 13.60 23.05
C LYS B 305 13.05 13.34 24.55
N ASP B 306 13.75 14.11 25.37
CA ASP B 306 13.70 13.92 26.82
C ASP B 306 12.27 14.13 27.30
N ILE B 307 11.61 15.16 26.78
CA ILE B 307 10.20 15.38 27.07
C ILE B 307 9.33 14.20 26.65
N LEU B 308 9.58 13.66 25.46
CA LEU B 308 8.79 12.53 25.00
C LEU B 308 8.97 11.22 25.80
N LEU B 309 10.14 11.03 26.38
CA LEU B 309 10.40 9.84 27.19
C LEU B 309 9.98 10.10 28.63
N HIS B 310 9.44 11.29 28.87
CA HIS B 310 8.68 11.67 30.06
C HIS B 310 9.71 11.94 31.12
CAA 38B C . -3.04 -12.90 -7.23
CAB 38B C . -2.10 -11.82 -6.68
NAC 38B C . -1.55 -10.94 -7.53
NAF 38B C . -1.91 -11.73 -5.30
CAG 38B C . -1.08 -10.74 -4.70
OAK 38B C . -0.95 -10.66 -3.45
CAH 38B C . -0.47 -9.84 -5.59
CAD 38B C . -0.73 -9.98 -7.00
OAE 38B C . -0.03 -9.05 -7.63
NAJ 38B C . 0.69 -8.24 -6.63
CAI 38B C . 0.40 -8.72 -5.41
CAL 38B C . 0.89 -8.27 -4.20
CAM 38B C . -0.03 -7.83 -3.24
CAN 38B C . 0.42 -7.39 -2.00
CAQ 38B C . 1.79 -7.41 -1.71
CAP 38B C . 2.73 -7.84 -2.67
CAO 38B C . 2.28 -8.28 -3.92
OAR 38B C . 3.21 -8.73 -4.85
CAS 38B C . 4.41 -9.40 -4.31
P PO4 D . -9.02 -27.89 -25.65
O1 PO4 D . -7.87 -27.90 -26.60
O2 PO4 D . -10.30 -27.75 -26.39
O3 PO4 D . -8.96 -26.67 -24.78
O4 PO4 D . -9.06 -29.05 -24.74
P PO4 E . -17.16 -1.05 8.09
O1 PO4 E . -15.75 -0.60 8.05
O2 PO4 E . -17.36 -2.34 7.35
O3 PO4 E . -18.08 0.00 7.48
O4 PO4 E . -17.51 -1.20 9.54
P PO4 F . -18.56 4.06 1.39
O1 PO4 F . -18.23 5.43 0.83
O2 PO4 F . -17.70 3.09 0.68
O3 PO4 F . -18.11 4.25 2.83
O4 PO4 F . -20.04 3.69 1.30
P PO4 G . -22.86 1.56 5.48
O1 PO4 G . -21.64 2.42 5.44
O2 PO4 G . -23.50 1.32 4.15
O3 PO4 G . -23.95 2.20 6.35
O4 PO4 G . -22.43 0.25 6.12
P PO4 H . -19.96 -13.28 15.55
O1 PO4 H . -19.12 -13.42 14.32
O2 PO4 H . -21.40 -13.04 15.15
O3 PO4 H . -19.54 -12.10 16.40
O4 PO4 H . -19.80 -14.53 16.39
P PO4 I . -20.37 -8.96 11.34
O1 PO4 I . -19.73 -8.14 10.19
O2 PO4 I . -19.32 -9.69 12.17
O3 PO4 I . -21.22 -8.07 12.25
O4 PO4 I . -21.28 -10.04 10.86
P PO4 J . 2.34 -18.54 -29.93
O1 PO4 J . 3.65 -18.25 -30.57
O2 PO4 J . 1.30 -17.87 -30.80
O3 PO4 J . 2.34 -18.01 -28.47
O4 PO4 J . 2.06 -20.01 -29.99
P PO4 K . -2.16 -0.24 -28.63
O1 PO4 K . -2.55 -0.30 -30.11
O2 PO4 K . -1.71 -1.64 -28.18
O3 PO4 K . -0.95 0.63 -28.38
O4 PO4 K . -3.34 0.27 -27.82
CAA 38B L . 7.44 21.78 7.06
CAB 38B L . 8.00 23.12 6.65
NAC 38B L . 8.23 24.01 7.58
NAF 38B L . 8.31 23.40 5.35
CAG 38B L . 8.85 24.59 4.92
OAK 38B L . 9.06 24.74 3.70
CAH 38B L . 9.09 25.57 5.91
CAD 38B L . 8.75 25.19 7.24
OAE 38B L . 8.98 26.19 8.09
NAJ 38B L . 9.57 27.28 7.22
CAI 38B L . 9.63 26.88 5.94
CAL 38B L . 10.06 27.73 4.91
CAM 38B L . 9.49 29.00 4.96
CAN 38B L . 9.79 29.96 4.04
CAQ 38B L . 10.72 29.66 3.06
CAP 38B L . 11.32 28.41 2.99
CAO 38B L . 10.99 27.42 3.92
OAR 38B L . 11.59 26.20 3.82
CAS 38B L . 12.02 26.00 2.41
P PO4 M . -6.62 7.79 21.37
O1 PO4 M . -5.35 8.50 21.13
O2 PO4 M . -6.28 6.59 22.16
O3 PO4 M . -7.15 7.40 20.04
O4 PO4 M . -7.54 8.72 22.12
P PO4 N . 24.16 12.04 21.36
O1 PO4 N . 23.24 12.57 20.30
O2 PO4 N . 24.76 10.73 20.87
O3 PO4 N . 25.26 13.04 21.61
O4 PO4 N . 23.44 11.79 22.66
P PO4 O . 13.35 11.39 -20.94
O1 PO4 O . 13.43 12.13 -22.26
O2 PO4 O . 14.76 11.08 -20.41
O3 PO4 O . 12.45 12.23 -20.06
O4 PO4 O . 12.63 10.08 -21.08
P PO4 P . 28.76 16.96 -2.95
O1 PO4 P . 28.83 16.77 -4.48
O2 PO4 P . 30.06 16.40 -2.40
O3 PO4 P . 28.54 18.46 -2.75
O4 PO4 P . 27.56 16.19 -2.27
P PO4 Q . 22.90 8.46 -12.64
O1 PO4 Q . 22.78 8.29 -14.11
O2 PO4 Q . 23.75 7.40 -11.99
O3 PO4 Q . 23.44 9.84 -12.38
O4 PO4 Q . 21.52 8.46 -12.08
P PO4 R . -6.59 22.27 26.51
O1 PO4 R . -5.90 22.62 25.17
O2 PO4 R . -7.07 23.55 27.12
O3 PO4 R . -5.66 21.59 27.47
O4 PO4 R . -7.73 21.29 26.39
#